data_2IGT
#
_entry.id   2IGT
#
_cell.length_a   83.941
_cell.length_b   145.555
_cell.length_c   204.895
_cell.angle_alpha   90.00
_cell.angle_beta   90.00
_cell.angle_gamma   90.00
#
_symmetry.space_group_name_H-M   'I 2 2 2'
#
loop_
_entity.id
_entity.type
_entity.pdbx_description
1 polymer 'SAM dependent methyltransferase'
2 non-polymer S-ADENOSYLMETHIONINE
3 non-polymer GLYCEROL
4 non-polymer 'ACETIC ACID'
5 non-polymer 'FORMIC ACID'
6 water water
#
_entity_poly.entity_id   1
_entity_poly.type   'polypeptide(L)'
_entity_poly.pdbx_seq_one_letter_code
;(MSE)GSSHHHHHHSSGRENLYFQG(MSE)QRTGELPAEHVPVILESSGAGDFHLIDSGNGLKLEQYGDYRVVRPEAQAL
WRPLVPDRVWQNADAIFTGDTDEDG(MSE)GRWRFPKEALGETWPLSLLGVEFLGRFTAFRHVGVFPEQIVHWEWLKNAV
ETADRPLKVLNLFGYTGVASLVAAAAGAEVTHVDASKKAIGWAKENQVLAGLEQAPIRWICEDA(MSE)KFIQREERRGS
TYDIILTDPPKFGRGTHGEVWQLFDHLPL(MSE)LDICREILSPKALGLVLTAYSIRASFYS(MSE)HEL(MSE)RET
(MSE)RGAGGVVASGELVIREAGLDGKTPGRVLSTSLFSRWEPKGS
;
_entity_poly.pdbx_strand_id   A,B,C
#
# COMPACT_ATOMS: atom_id res chain seq x y z
N GLU A 15 -2.65 -24.79 14.17
CA GLU A 15 -3.51 -25.18 15.33
C GLU A 15 -3.92 -23.97 16.19
N ASN A 16 -5.20 -23.93 16.55
CA ASN A 16 -5.76 -22.87 17.37
C ASN A 16 -5.25 -22.98 18.80
N LEU A 17 -4.37 -22.05 19.18
CA LEU A 17 -3.86 -21.99 20.55
C LEU A 17 -4.54 -20.90 21.39
N TYR A 18 -4.79 -19.75 20.77
CA TYR A 18 -5.16 -18.53 21.51
C TYR A 18 -6.55 -18.02 21.26
N PHE A 19 -7.27 -18.64 20.32
CA PHE A 19 -8.59 -18.17 19.93
C PHE A 19 -9.65 -19.29 20.03
N GLN A 20 -9.53 -20.10 21.07
CA GLN A 20 -10.56 -21.08 21.39
C GLN A 20 -11.73 -20.38 22.10
N GLY A 21 -12.95 -20.82 21.79
CA GLY A 21 -14.12 -20.45 22.60
C GLY A 21 -14.06 -21.20 23.92
N GLN A 23 -15.01 -23.36 27.28
CA GLN A 23 -15.75 -24.61 27.48
C GLN A 23 -17.15 -24.28 28.02
N ARG A 24 -18.14 -24.92 27.42
CA ARG A 24 -19.51 -24.71 27.81
C ARG A 24 -20.02 -26.01 28.39
N THR A 25 -21.02 -25.93 29.25
CA THR A 25 -21.67 -27.11 29.77
C THR A 25 -23.03 -27.24 29.12
N GLY A 26 -23.59 -28.45 29.16
CA GLY A 26 -24.94 -28.66 28.71
C GLY A 26 -25.00 -29.32 27.35
N GLU A 27 -26.20 -29.31 26.77
CA GLU A 27 -26.48 -30.03 25.54
C GLU A 27 -26.38 -29.13 24.33
N LEU A 28 -25.94 -29.71 23.21
CA LEU A 28 -25.93 -29.02 21.94
C LEU A 28 -27.36 -28.72 21.52
N PRO A 29 -27.58 -27.59 20.85
CA PRO A 29 -28.92 -27.30 20.32
C PRO A 29 -29.35 -28.40 19.31
N ALA A 30 -30.65 -28.46 19.04
CA ALA A 30 -31.17 -29.27 17.94
C ALA A 30 -30.54 -28.79 16.62
N GLU A 31 -30.60 -29.62 15.59
CA GLU A 31 -29.99 -29.23 14.33
C GLU A 31 -30.93 -29.56 13.18
N HIS A 32 -30.92 -28.69 12.17
CA HIS A 32 -31.50 -28.99 10.86
C HIS A 32 -30.37 -28.79 9.85
N VAL A 33 -29.97 -29.87 9.20
CA VAL A 33 -28.78 -29.81 8.34
C VAL A 33 -28.81 -31.04 7.42
N PRO A 34 -28.50 -30.89 6.11
CA PRO A 34 -28.28 -29.65 5.37
C PRO A 34 -29.60 -28.95 5.12
N VAL A 35 -29.60 -27.63 5.19
CA VAL A 35 -30.73 -26.84 4.72
C VAL A 35 -30.24 -26.01 3.51
N ILE A 36 -30.90 -26.17 2.37
CA ILE A 36 -30.45 -25.45 1.19
C ILE A 36 -31.41 -24.28 1.02
N LEU A 37 -30.91 -23.07 1.15
CA LEU A 37 -31.72 -21.88 0.98
C LEU A 37 -31.56 -21.40 -0.44
N GLU A 38 -32.68 -21.14 -1.10
CA GLU A 38 -32.64 -20.82 -2.51
C GLU A 38 -33.37 -19.51 -2.80
N SER A 39 -32.74 -18.70 -3.62
CA SER A 39 -33.34 -17.48 -4.13
C SER A 39 -33.45 -17.58 -5.67
N SER A 40 -34.58 -17.17 -6.21
N SER A 40 -34.57 -17.21 -6.27
CA SER A 40 -34.75 -17.13 -7.67
CA SER A 40 -34.57 -17.11 -7.74
C SER A 40 -34.67 -15.70 -8.28
C SER A 40 -34.66 -15.68 -8.30
N GLY A 41 -34.47 -14.71 -7.40
CA GLY A 41 -34.32 -13.32 -7.82
C GLY A 41 -35.61 -12.65 -8.23
N ALA A 42 -36.04 -11.71 -7.41
CA ALA A 42 -37.22 -10.95 -7.75
C ALA A 42 -36.76 -9.56 -8.19
N GLY A 43 -37.68 -8.81 -8.79
CA GLY A 43 -37.51 -7.38 -9.02
C GLY A 43 -36.23 -7.02 -9.75
N ASP A 44 -35.29 -6.41 -9.03
CA ASP A 44 -34.12 -5.81 -9.69
C ASP A 44 -32.97 -6.78 -9.92
N PHE A 45 -33.07 -8.03 -9.45
CA PHE A 45 -32.00 -8.99 -9.69
C PHE A 45 -32.50 -10.34 -10.20
N HIS A 46 -31.86 -10.84 -11.24
CA HIS A 46 -31.88 -12.28 -11.44
C HIS A 46 -30.71 -12.76 -12.26
N LEU A 47 -30.40 -14.03 -12.08
CA LEU A 47 -29.36 -14.71 -12.83
C LEU A 47 -30.00 -15.23 -14.10
N ILE A 48 -29.61 -14.65 -15.24
CA ILE A 48 -30.17 -15.01 -16.54
C ILE A 48 -29.64 -16.35 -17.02
N ASP A 49 -28.31 -16.53 -16.93
CA ASP A 49 -27.65 -17.69 -17.53
C ASP A 49 -26.25 -17.74 -16.94
N SER A 50 -25.57 -18.87 -17.12
CA SER A 50 -24.23 -19.06 -16.59
C SER A 50 -23.63 -20.26 -17.32
N GLY A 51 -22.31 -20.36 -17.32
CA GLY A 51 -21.61 -21.49 -17.94
C GLY A 51 -20.29 -21.00 -18.49
N ASN A 52 -19.44 -21.95 -18.85
CA ASN A 52 -18.09 -21.64 -19.34
C ASN A 52 -17.32 -20.69 -18.41
N GLY A 53 -17.57 -20.80 -17.10
CA GLY A 53 -16.86 -20.00 -16.12
C GLY A 53 -17.30 -18.55 -16.00
N LEU A 54 -18.49 -18.26 -16.52
CA LEU A 54 -19.08 -16.91 -16.52
C LEU A 54 -20.52 -16.96 -16.04
N LYS A 55 -21.03 -15.81 -15.61
CA LYS A 55 -22.46 -15.68 -15.32
C LYS A 55 -22.99 -14.37 -15.93
N LEU A 56 -24.27 -14.40 -16.31
CA LEU A 56 -24.97 -13.30 -16.97
C LEU A 56 -26.11 -12.89 -16.06
N GLU A 57 -26.03 -11.68 -15.53
CA GLU A 57 -26.97 -11.27 -14.47
C GLU A 57 -27.66 -9.98 -14.86
N GLN A 58 -28.90 -9.78 -14.40
CA GLN A 58 -29.57 -8.48 -14.55
C GLN A 58 -29.61 -7.80 -13.18
N TYR A 59 -29.04 -6.59 -13.09
CA TYR A 59 -29.10 -5.74 -11.89
C TYR A 59 -29.82 -4.47 -12.32
N GLY A 60 -31.12 -4.37 -12.00
CA GLY A 60 -31.91 -3.23 -12.46
C GLY A 60 -31.88 -3.07 -13.97
N ASP A 61 -31.47 -1.90 -14.45
CA ASP A 61 -31.40 -1.66 -15.88
C ASP A 61 -30.15 -2.20 -16.60
N TYR A 62 -29.16 -2.71 -15.87
CA TYR A 62 -27.95 -3.22 -16.53
C TYR A 62 -27.89 -4.75 -16.60
N ARG A 63 -27.44 -5.26 -17.74
CA ARG A 63 -27.13 -6.68 -17.90
C ARG A 63 -25.62 -6.75 -17.79
N VAL A 64 -25.13 -7.64 -16.93
CA VAL A 64 -23.74 -7.70 -16.47
C VAL A 64 -23.18 -9.11 -16.67
N VAL A 65 -21.96 -9.20 -17.20
CA VAL A 65 -21.23 -10.48 -17.25
C VAL A 65 -20.07 -10.44 -16.27
N ARG A 66 -19.97 -11.49 -15.46
CA ARG A 66 -18.87 -11.62 -14.51
C ARG A 66 -18.34 -13.03 -14.52
N PRO A 67 -17.05 -13.18 -14.16
CA PRO A 67 -16.49 -14.52 -13.99
C PRO A 67 -17.18 -15.27 -12.83
N GLU A 68 -17.32 -16.58 -13.00
CA GLU A 68 -17.87 -17.44 -11.96
C GLU A 68 -17.24 -18.80 -12.21
N ALA A 69 -16.10 -19.07 -11.58
CA ALA A 69 -15.33 -20.28 -11.95
C ALA A 69 -16.11 -21.58 -11.78
N GLN A 70 -17.01 -21.65 -10.80
CA GLN A 70 -17.68 -22.91 -10.61
C GLN A 70 -18.84 -23.18 -11.59
N ALA A 71 -19.21 -22.17 -12.38
CA ALA A 71 -20.17 -22.37 -13.46
C ALA A 71 -19.50 -23.16 -14.58
N LEU A 72 -19.21 -24.43 -14.31
CA LEU A 72 -18.48 -25.31 -15.24
C LEU A 72 -19.30 -25.84 -16.42
N TRP A 73 -20.61 -25.84 -16.25
CA TRP A 73 -21.55 -26.29 -17.28
C TRP A 73 -21.60 -25.30 -18.46
N ARG A 74 -22.50 -25.57 -19.40
N ARG A 74 -22.46 -25.55 -19.44
CA ARG A 74 -22.69 -24.75 -20.61
CA ARG A 74 -22.56 -24.71 -20.63
C ARG A 74 -23.78 -23.69 -20.43
C ARG A 74 -23.75 -23.75 -20.52
N PRO A 75 -23.61 -22.53 -21.08
CA PRO A 75 -24.68 -21.52 -21.11
C PRO A 75 -25.88 -22.04 -21.93
N LEU A 76 -27.09 -21.73 -21.50
CA LEU A 76 -28.28 -22.22 -22.21
C LEU A 76 -29.06 -21.12 -22.95
N VAL A 77 -28.62 -19.88 -22.84
CA VAL A 77 -29.29 -18.74 -23.47
C VAL A 77 -28.37 -18.36 -24.66
N PRO A 78 -28.94 -17.95 -25.82
CA PRO A 78 -28.09 -17.69 -27.01
C PRO A 78 -27.01 -16.63 -26.81
N ASP A 79 -25.95 -16.75 -27.59
N ASP A 79 -25.92 -16.75 -27.54
CA ASP A 79 -24.81 -15.83 -27.59
CA ASP A 79 -24.75 -15.87 -27.36
C ASP A 79 -25.25 -14.37 -27.72
C ASP A 79 -25.09 -14.39 -27.57
N ARG A 80 -26.14 -14.09 -28.66
N ARG A 80 -26.04 -14.11 -28.45
CA ARG A 80 -26.64 -12.72 -28.81
CA ARG A 80 -26.45 -12.73 -28.74
C ARG A 80 -26.97 -12.03 -27.49
C ARG A 80 -27.16 -12.00 -27.59
N VAL A 81 -27.65 -12.77 -26.60
CA VAL A 81 -28.14 -12.19 -25.35
C VAL A 81 -26.91 -11.83 -24.46
N TRP A 82 -25.93 -12.71 -24.39
CA TRP A 82 -24.68 -12.42 -23.64
C TRP A 82 -23.91 -11.23 -24.27
N GLN A 83 -23.91 -11.17 -25.60
N GLN A 83 -23.89 -11.20 -25.61
CA GLN A 83 -23.17 -10.14 -26.34
CA GLN A 83 -23.21 -10.13 -26.36
C GLN A 83 -23.87 -8.77 -26.32
C GLN A 83 -23.78 -8.76 -26.06
N ASN A 84 -25.07 -8.71 -25.75
CA ASN A 84 -25.82 -7.48 -25.53
C ASN A 84 -25.64 -6.91 -24.09
N ALA A 85 -24.69 -7.46 -23.34
CA ALA A 85 -24.43 -6.99 -21.96
C ALA A 85 -24.02 -5.51 -21.92
N ASP A 86 -24.39 -4.80 -20.85
CA ASP A 86 -23.99 -3.41 -20.65
C ASP A 86 -22.59 -3.27 -20.03
N ALA A 87 -22.20 -4.28 -19.24
CA ALA A 87 -20.91 -4.23 -18.54
C ALA A 87 -20.37 -5.64 -18.40
N ILE A 88 -19.06 -5.79 -18.63
CA ILE A 88 -18.39 -7.09 -18.50
C ILE A 88 -17.14 -6.90 -17.63
N PHE A 89 -17.02 -7.67 -16.54
CA PHE A 89 -15.84 -7.57 -15.72
C PHE A 89 -14.78 -8.51 -16.28
N THR A 90 -13.59 -7.97 -16.50
CA THR A 90 -12.48 -8.69 -17.11
C THR A 90 -11.34 -8.62 -16.10
N GLY A 91 -10.69 -9.75 -15.88
CA GLY A 91 -9.99 -9.95 -14.60
C GLY A 91 -8.52 -10.23 -14.79
N ASP A 92 -7.71 -9.59 -13.96
CA ASP A 92 -6.30 -9.97 -13.77
C ASP A 92 -6.27 -11.30 -12.97
N THR A 93 -7.27 -11.46 -12.08
CA THR A 93 -7.55 -12.71 -11.36
C THR A 93 -9.08 -12.90 -11.24
N GLY A 97 -7.68 -9.76 -7.10
CA GLY A 97 -8.88 -9.85 -7.96
C GLY A 97 -9.26 -8.55 -8.66
N GLY A 99 -9.35 -5.79 -11.62
CA GLY A 99 -9.46 -5.88 -13.06
C GLY A 99 -9.98 -4.62 -13.71
N ARG A 100 -10.78 -4.77 -14.76
CA ARG A 100 -11.33 -3.64 -15.51
C ARG A 100 -12.69 -4.02 -16.05
N TRP A 101 -13.66 -3.12 -15.87
CA TRP A 101 -14.94 -3.28 -16.51
C TRP A 101 -14.90 -2.75 -17.93
N ARG A 102 -15.47 -3.54 -18.85
CA ARG A 102 -15.70 -3.15 -20.23
C ARG A 102 -17.15 -2.75 -20.36
N PHE A 103 -17.39 -1.58 -20.96
CA PHE A 103 -18.75 -1.10 -21.24
C PHE A 103 -18.93 -1.03 -22.76
N PRO A 104 -19.43 -2.13 -23.38
CA PRO A 104 -19.38 -2.21 -24.84
C PRO A 104 -20.24 -1.21 -25.59
N LYS A 105 -21.35 -0.81 -25.00
CA LYS A 105 -22.26 0.09 -25.69
C LYS A 105 -21.84 1.56 -25.56
N GLU A 106 -21.57 1.99 -24.34
CA GLU A 106 -21.10 3.33 -24.05
C GLU A 106 -20.54 3.32 -22.62
N ALA A 107 -19.69 4.28 -22.32
CA ALA A 107 -19.15 4.46 -20.97
C ALA A 107 -20.27 4.59 -19.93
N LEU A 108 -20.23 3.77 -18.88
CA LEU A 108 -21.22 3.81 -17.82
C LEU A 108 -20.65 4.56 -16.63
N GLY A 109 -21.52 5.32 -15.94
CA GLY A 109 -21.15 5.93 -14.68
C GLY A 109 -20.83 4.92 -13.59
N GLU A 110 -20.24 5.41 -12.49
CA GLU A 110 -19.80 4.56 -11.39
C GLU A 110 -20.95 3.78 -10.76
N THR A 111 -22.13 4.39 -10.68
CA THR A 111 -23.25 3.79 -9.92
C THR A 111 -24.57 3.78 -10.68
N TRP A 112 -25.50 2.97 -10.18
CA TRP A 112 -26.85 2.93 -10.73
C TRP A 112 -27.83 2.48 -9.67
N PRO A 113 -29.07 3.00 -9.72
CA PRO A 113 -30.02 2.73 -8.64
C PRO A 113 -30.63 1.31 -8.70
N LEU A 114 -30.72 0.69 -7.53
CA LEU A 114 -31.31 -0.64 -7.38
C LEU A 114 -32.25 -0.65 -6.18
N SER A 115 -33.14 -1.63 -6.12
N SER A 115 -33.11 -1.65 -6.13
CA SER A 115 -33.93 -1.84 -4.90
CA SER A 115 -34.00 -1.87 -4.98
C SER A 115 -34.29 -3.31 -4.70
C SER A 115 -34.19 -3.36 -4.73
N LEU A 116 -34.17 -3.78 -3.47
CA LEU A 116 -34.46 -5.16 -3.11
C LEU A 116 -35.16 -5.10 -1.78
N LEU A 117 -36.24 -5.89 -1.66
CA LEU A 117 -36.97 -5.96 -0.41
C LEU A 117 -37.35 -4.58 0.12
N GLY A 118 -37.71 -3.65 -0.77
CA GLY A 118 -38.19 -2.34 -0.33
C GLY A 118 -37.12 -1.31 -0.01
N VAL A 119 -35.85 -1.69 -0.12
CA VAL A 119 -34.71 -0.82 0.21
C VAL A 119 -34.01 -0.36 -1.07
N GLU A 120 -33.82 0.95 -1.21
N GLU A 120 -33.87 0.97 -1.23
CA GLU A 120 -33.12 1.53 -2.36
CA GLU A 120 -33.09 1.54 -2.33
C GLU A 120 -31.63 1.72 -2.06
C GLU A 120 -31.61 1.49 -1.98
N PHE A 121 -30.78 1.30 -3.00
CA PHE A 121 -29.33 1.32 -2.82
C PHE A 121 -28.65 1.43 -4.18
N LEU A 122 -27.33 1.57 -4.18
CA LEU A 122 -26.59 1.74 -5.43
C LEU A 122 -25.83 0.47 -5.82
N GLY A 123 -25.98 0.06 -7.08
CA GLY A 123 -24.99 -0.80 -7.71
C GLY A 123 -23.76 0.06 -7.98
N ARG A 124 -22.57 -0.53 -7.92
CA ARG A 124 -21.34 0.26 -8.07
C ARG A 124 -20.26 -0.52 -8.81
N PHE A 125 -19.70 0.10 -9.85
CA PHE A 125 -18.52 -0.44 -10.53
C PHE A 125 -17.22 0.02 -9.84
N THR A 126 -16.51 -0.92 -9.23
CA THR A 126 -15.20 -0.63 -8.69
C THR A 126 -14.21 -1.42 -9.54
N ALA A 127 -12.95 -1.51 -9.10
CA ALA A 127 -11.96 -2.30 -9.84
C ALA A 127 -12.10 -3.80 -9.51
N PHE A 128 -13.01 -4.15 -8.62
CA PHE A 128 -13.27 -5.56 -8.29
C PHE A 128 -14.53 -6.08 -8.96
N ARG A 129 -14.71 -7.40 -8.87
N ARG A 129 -14.74 -7.39 -8.97
CA ARG A 129 -15.87 -8.10 -9.43
CA ARG A 129 -15.91 -7.92 -9.71
C ARG A 129 -17.17 -7.72 -8.73
C ARG A 129 -17.22 -7.66 -8.96
N HIS A 130 -17.07 -7.19 -7.52
N HIS A 130 -17.13 -7.37 -7.67
CA HIS A 130 -18.25 -6.95 -6.68
CA HIS A 130 -18.34 -7.13 -6.92
C HIS A 130 -19.05 -5.72 -7.12
C HIS A 130 -19.09 -5.93 -7.50
N VAL A 131 -20.37 -5.88 -7.22
CA VAL A 131 -21.24 -4.80 -7.76
C VAL A 131 -21.97 -4.04 -6.64
N GLY A 132 -21.62 -4.33 -5.38
CA GLY A 132 -22.11 -3.52 -4.26
C GLY A 132 -23.28 -4.15 -3.52
N VAL A 133 -23.59 -5.41 -3.88
CA VAL A 133 -24.65 -6.16 -3.24
C VAL A 133 -24.46 -7.64 -3.56
N PHE A 134 -24.84 -8.49 -2.60
CA PHE A 134 -24.92 -9.93 -2.76
C PHE A 134 -26.41 -10.26 -2.72
N PRO A 135 -27.09 -10.22 -3.89
CA PRO A 135 -28.55 -10.24 -3.85
C PRO A 135 -29.14 -11.54 -3.32
N GLU A 136 -28.38 -12.62 -3.41
CA GLU A 136 -28.85 -13.91 -2.84
C GLU A 136 -29.13 -13.80 -1.34
N GLN A 137 -28.44 -12.87 -0.67
CA GLN A 137 -28.61 -12.63 0.78
C GLN A 137 -30.05 -12.18 1.13
N ILE A 138 -30.86 -11.92 0.12
CA ILE A 138 -32.29 -11.59 0.34
C ILE A 138 -33.02 -12.64 1.18
N VAL A 139 -32.63 -13.91 1.05
CA VAL A 139 -33.24 -14.93 1.90
C VAL A 139 -33.00 -14.61 3.41
N HIS A 140 -31.78 -14.26 3.78
CA HIS A 140 -31.48 -13.90 5.18
C HIS A 140 -32.11 -12.54 5.53
N TRP A 141 -32.17 -11.61 4.57
CA TRP A 141 -32.84 -10.32 4.83
C TRP A 141 -34.32 -10.49 5.11
N GLU A 142 -34.93 -11.46 4.42
N GLU A 142 -34.96 -11.45 4.43
CA GLU A 142 -36.33 -11.81 4.65
CA GLU A 142 -36.36 -11.78 4.67
C GLU A 142 -36.57 -12.37 6.05
C GLU A 142 -36.57 -12.35 6.08
N TRP A 143 -35.68 -13.27 6.48
CA TRP A 143 -35.70 -13.80 7.85
C TRP A 143 -35.57 -12.66 8.87
N LEU A 144 -34.62 -11.76 8.61
CA LEU A 144 -34.38 -10.58 9.45
C LEU A 144 -35.57 -9.61 9.50
N LYS A 145 -36.08 -9.22 8.32
CA LYS A 145 -37.28 -8.38 8.24
C LYS A 145 -38.42 -8.96 9.06
N ASN A 146 -38.76 -10.24 8.82
CA ASN A 146 -39.81 -10.93 9.58
C ASN A 146 -39.57 -10.88 11.09
N ALA A 147 -38.35 -11.24 11.51
CA ALA A 147 -38.01 -11.25 12.94
C ALA A 147 -38.21 -9.86 13.57
N VAL A 148 -37.75 -8.80 12.89
CA VAL A 148 -37.85 -7.43 13.44
C VAL A 148 -39.31 -6.96 13.44
N GLU A 149 -40.01 -7.17 12.32
N GLU A 149 -40.01 -7.13 12.31
CA GLU A 149 -41.36 -6.61 12.15
CA GLU A 149 -41.38 -6.61 12.19
C GLU A 149 -42.47 -7.37 12.90
C GLU A 149 -42.33 -7.29 13.17
N THR A 150 -42.18 -8.59 13.33
CA THR A 150 -43.12 -9.35 14.16
C THR A 150 -42.79 -9.30 15.66
N ALA A 151 -41.62 -8.76 16.02
CA ALA A 151 -41.25 -8.60 17.43
C ALA A 151 -42.14 -7.58 18.11
N ASP A 152 -42.35 -7.74 19.43
N ASP A 152 -42.33 -7.74 19.43
CA ASP A 152 -43.21 -6.83 20.19
CA ASP A 152 -43.19 -6.85 20.23
C ASP A 152 -42.46 -5.65 20.82
C ASP A 152 -42.47 -5.61 20.76
N ARG A 153 -41.17 -5.54 20.51
CA ARG A 153 -40.32 -4.44 21.00
C ARG A 153 -39.33 -4.17 19.88
N PRO A 154 -38.74 -2.97 19.82
CA PRO A 154 -37.71 -2.68 18.80
C PRO A 154 -36.47 -3.51 19.07
N LEU A 155 -36.05 -4.31 18.10
CA LEU A 155 -34.89 -5.17 18.28
C LEU A 155 -33.57 -4.44 18.10
N LYS A 156 -32.59 -4.79 18.92
CA LYS A 156 -31.20 -4.35 18.69
C LYS A 156 -30.53 -5.35 17.75
N VAL A 157 -30.10 -4.86 16.59
CA VAL A 157 -29.50 -5.71 15.54
C VAL A 157 -28.05 -5.28 15.33
N LEU A 158 -27.16 -6.25 15.40
CA LEU A 158 -25.75 -6.00 15.10
C LEU A 158 -25.41 -6.67 13.79
N ASN A 159 -24.72 -5.94 12.92
CA ASN A 159 -24.35 -6.43 11.59
C ASN A 159 -22.85 -6.28 11.42
N LEU A 160 -22.11 -7.39 11.58
CA LEU A 160 -20.63 -7.40 11.50
C LEU A 160 -20.14 -7.67 10.09
N PHE A 161 -19.09 -6.94 9.67
CA PHE A 161 -18.55 -7.01 8.28
C PHE A 161 -19.66 -6.57 7.34
N GLY A 162 -20.30 -5.45 7.66
CA GLY A 162 -21.57 -5.08 7.03
C GLY A 162 -21.53 -4.63 5.58
N TYR A 163 -20.33 -4.30 5.07
CA TYR A 163 -20.17 -4.02 3.64
C TYR A 163 -21.07 -2.83 3.23
N THR A 164 -21.86 -2.96 2.15
CA THR A 164 -22.67 -1.84 1.70
C THR A 164 -23.97 -1.70 2.50
N GLY A 165 -24.18 -2.58 3.49
CA GLY A 165 -25.20 -2.38 4.51
C GLY A 165 -26.65 -2.59 4.13
N VAL A 166 -26.92 -3.36 3.08
CA VAL A 166 -28.33 -3.59 2.72
C VAL A 166 -29.09 -4.29 3.88
N ALA A 167 -28.44 -5.24 4.56
CA ALA A 167 -29.09 -5.86 5.75
C ALA A 167 -29.38 -4.83 6.83
N SER A 168 -28.43 -3.91 7.04
CA SER A 168 -28.60 -2.85 8.03
C SER A 168 -29.81 -2.03 7.69
N LEU A 169 -30.01 -1.76 6.40
CA LEU A 169 -31.10 -0.91 5.97
C LEU A 169 -32.45 -1.62 6.06
N VAL A 170 -32.47 -2.91 5.72
CA VAL A 170 -33.67 -3.76 5.89
C VAL A 170 -34.11 -3.74 7.36
N ALA A 171 -33.16 -3.98 8.27
CA ALA A 171 -33.48 -4.01 9.72
C ALA A 171 -34.01 -2.65 10.19
N ALA A 172 -33.30 -1.58 9.82
CA ALA A 172 -33.72 -0.23 10.18
C ALA A 172 -35.08 0.18 9.61
N ALA A 173 -35.38 -0.21 8.37
CA ALA A 173 -36.69 0.08 7.76
C ALA A 173 -37.81 -0.59 8.56
N ALA A 174 -37.50 -1.77 9.09
CA ALA A 174 -38.44 -2.56 9.89
C ALA A 174 -38.57 -2.12 11.35
N GLY A 175 -37.77 -1.14 11.75
CA GLY A 175 -37.89 -0.57 13.10
C GLY A 175 -36.80 -0.96 14.09
N ALA A 176 -35.73 -1.61 13.62
CA ALA A 176 -34.65 -2.00 14.53
C ALA A 176 -33.68 -0.86 14.85
N GLU A 177 -33.05 -0.96 16.01
CA GLU A 177 -31.89 -0.15 16.35
C GLU A 177 -30.65 -0.93 15.88
N VAL A 178 -29.97 -0.39 14.86
CA VAL A 178 -28.93 -1.12 14.12
C VAL A 178 -27.55 -0.57 14.46
N THR A 179 -26.62 -1.49 14.72
CA THR A 179 -25.20 -1.16 14.80
C THR A 179 -24.50 -1.89 13.64
N HIS A 180 -23.88 -1.10 12.77
CA HIS A 180 -23.23 -1.63 11.55
C HIS A 180 -21.71 -1.49 11.70
N VAL A 181 -20.99 -2.61 11.59
CA VAL A 181 -19.56 -2.61 11.84
C VAL A 181 -18.80 -3.04 10.60
N ASP A 182 -17.89 -2.19 10.14
CA ASP A 182 -17.02 -2.50 9.02
C ASP A 182 -15.70 -1.75 9.21
N ALA A 183 -14.56 -2.43 8.97
CA ALA A 183 -13.24 -1.83 9.14
C ALA A 183 -12.90 -0.81 8.06
N SER A 184 -13.63 -0.85 6.94
CA SER A 184 -13.31 0.00 5.78
C SER A 184 -14.10 1.32 5.82
N LYS A 185 -13.41 2.44 5.94
CA LYS A 185 -14.11 3.72 5.94
C LYS A 185 -14.79 3.95 4.58
N LYS A 186 -14.16 3.48 3.52
CA LYS A 186 -14.75 3.58 2.18
C LYS A 186 -16.08 2.83 2.11
N ALA A 187 -16.10 1.61 2.66
CA ALA A 187 -17.32 0.81 2.70
C ALA A 187 -18.40 1.49 3.56
N ILE A 188 -18.00 2.05 4.68
CA ILE A 188 -18.96 2.77 5.56
C ILE A 188 -19.57 3.91 4.75
N GLY A 189 -18.74 4.63 3.99
CA GLY A 189 -19.22 5.72 3.14
C GLY A 189 -20.25 5.26 2.12
N TRP A 190 -20.01 4.11 1.49
CA TRP A 190 -20.97 3.51 0.55
C TRP A 190 -22.29 3.16 1.24
N ALA A 191 -22.21 2.56 2.42
CA ALA A 191 -23.40 2.19 3.16
C ALA A 191 -24.23 3.43 3.51
N LYS A 192 -23.56 4.48 3.95
CA LYS A 192 -24.21 5.76 4.27
C LYS A 192 -24.90 6.37 3.04
N GLU A 193 -24.23 6.31 1.89
CA GLU A 193 -24.85 6.71 0.63
C GLU A 193 -26.15 5.94 0.38
N ASN A 194 -26.14 4.62 0.63
CA ASN A 194 -27.34 3.79 0.53
C ASN A 194 -28.42 4.19 1.55
N GLN A 195 -28.01 4.44 2.79
CA GLN A 195 -28.95 4.95 3.77
C GLN A 195 -29.69 6.23 3.28
N VAL A 196 -28.94 7.17 2.71
CA VAL A 196 -29.53 8.41 2.20
C VAL A 196 -30.53 8.08 1.10
N LEU A 197 -30.09 7.29 0.12
CA LEU A 197 -30.93 6.91 -1.00
C LEU A 197 -32.20 6.19 -0.55
N ALA A 198 -32.09 5.37 0.48
CA ALA A 198 -33.22 4.59 1.00
C ALA A 198 -34.20 5.39 1.87
N GLY A 199 -33.84 6.63 2.18
CA GLY A 199 -34.69 7.50 2.97
C GLY A 199 -34.63 7.12 4.43
N LEU A 200 -33.47 6.60 4.85
CA LEU A 200 -33.33 6.12 6.21
C LEU A 200 -32.34 6.95 7.02
N GLU A 201 -32.07 8.19 6.58
CA GLU A 201 -31.12 9.09 7.30
C GLU A 201 -31.46 9.33 8.78
N GLN A 202 -32.74 9.36 9.10
N GLN A 202 -32.75 9.36 9.10
CA GLN A 202 -33.15 9.60 10.48
CA GLN A 202 -33.21 9.60 10.47
C GLN A 202 -33.23 8.32 11.33
C GLN A 202 -33.54 8.31 11.24
N ALA A 203 -33.15 7.16 10.69
CA ALA A 203 -33.28 5.86 11.41
C ALA A 203 -32.11 5.62 12.37
N PRO A 204 -32.34 4.88 13.48
CA PRO A 204 -31.24 4.59 14.43
C PRO A 204 -30.25 3.55 13.86
N ILE A 205 -29.33 4.03 13.05
CA ILE A 205 -28.21 3.19 12.59
C ILE A 205 -26.92 3.81 13.11
N ARG A 206 -26.16 3.04 13.87
N ARG A 206 -26.19 3.04 13.90
CA ARG A 206 -24.87 3.47 14.39
CA ARG A 206 -24.87 3.44 14.35
C ARG A 206 -23.75 2.86 13.52
C ARG A 206 -23.86 2.87 13.34
N TRP A 207 -22.95 3.73 12.88
CA TRP A 207 -21.93 3.30 11.90
C TRP A 207 -20.62 3.21 12.63
N ILE A 208 -20.04 2.01 12.68
CA ILE A 208 -18.86 1.78 13.47
C ILE A 208 -17.74 1.38 12.50
N CYS A 209 -16.68 2.18 12.44
CA CYS A 209 -15.53 1.86 11.58
C CYS A 209 -14.42 1.32 12.49
N GLU A 210 -14.40 -0.01 12.63
CA GLU A 210 -13.51 -0.68 13.57
C GLU A 210 -13.35 -2.11 13.11
N ASP A 211 -12.25 -2.73 13.53
CA ASP A 211 -12.11 -4.19 13.45
C ASP A 211 -13.34 -4.84 14.15
N ALA A 212 -13.95 -5.84 13.50
CA ALA A 212 -15.19 -6.43 13.99
C ALA A 212 -15.00 -7.15 15.32
N LYS A 214 -12.50 -6.70 17.60
CA LYS A 214 -12.16 -5.71 18.62
C LYS A 214 -13.45 -5.03 19.12
N PHE A 215 -14.32 -4.66 18.18
CA PHE A 215 -15.56 -4.00 18.56
C PHE A 215 -16.39 -4.92 19.48
N ILE A 216 -16.58 -6.18 19.06
CA ILE A 216 -17.45 -7.04 19.88
C ILE A 216 -16.84 -7.42 21.22
N GLN A 217 -15.51 -7.52 21.31
CA GLN A 217 -14.88 -7.74 22.62
C GLN A 217 -15.06 -6.54 23.54
N ARG A 218 -14.97 -5.35 22.96
CA ARG A 218 -15.27 -4.12 23.71
C ARG A 218 -16.75 -4.04 24.12
N GLU A 219 -17.66 -4.46 23.24
CA GLU A 219 -19.09 -4.60 23.61
C GLU A 219 -19.28 -5.57 24.78
N GLU A 220 -18.58 -6.70 24.72
CA GLU A 220 -18.65 -7.67 25.80
C GLU A 220 -18.19 -7.05 27.11
N ARG A 221 -17.07 -6.31 27.05
N ARG A 221 -17.09 -6.30 27.08
CA ARG A 221 -16.57 -5.62 28.25
CA ARG A 221 -16.63 -5.68 28.33
C ARG A 221 -17.59 -4.61 28.79
C ARG A 221 -17.54 -4.52 28.80
N ARG A 222 -18.28 -3.93 27.87
CA ARG A 222 -19.31 -2.92 28.23
C ARG A 222 -20.61 -3.56 28.77
N GLY A 223 -20.74 -4.88 28.60
CA GLY A 223 -21.94 -5.62 29.02
C GLY A 223 -23.09 -5.41 28.05
N SER A 224 -22.77 -4.97 26.82
CA SER A 224 -23.78 -4.70 25.80
C SER A 224 -24.45 -5.98 25.29
N THR A 225 -25.71 -5.89 24.86
CA THR A 225 -26.38 -7.05 24.25
C THR A 225 -27.20 -6.67 23.03
N TYR A 226 -27.40 -7.64 22.15
CA TYR A 226 -28.17 -7.49 20.92
C TYR A 226 -29.15 -8.65 20.79
N ASP A 227 -30.27 -8.38 20.16
CA ASP A 227 -31.32 -9.38 19.95
C ASP A 227 -31.03 -10.21 18.71
N ILE A 228 -30.40 -9.60 17.72
CA ILE A 228 -30.00 -10.33 16.51
C ILE A 228 -28.58 -9.94 16.15
N ILE A 229 -27.76 -10.94 15.83
CA ILE A 229 -26.42 -10.67 15.36
C ILE A 229 -26.22 -11.35 14.03
N LEU A 230 -25.84 -10.57 13.03
CA LEU A 230 -25.42 -11.10 11.72
C LEU A 230 -23.93 -10.90 11.56
N THR A 231 -23.24 -11.89 11.02
CA THR A 231 -21.81 -11.74 10.77
C THR A 231 -21.42 -12.41 9.48
N ASP A 232 -20.73 -11.65 8.63
CA ASP A 232 -20.38 -12.11 7.28
C ASP A 232 -18.86 -12.03 7.04
N PRO A 233 -18.07 -12.76 7.86
CA PRO A 233 -16.61 -12.63 7.83
C PRO A 233 -16.02 -13.17 6.52
N PRO A 234 -15.06 -12.43 5.96
CA PRO A 234 -14.31 -12.91 4.80
C PRO A 234 -13.30 -13.94 5.27
N LYS A 235 -12.76 -14.70 4.33
CA LYS A 235 -11.66 -15.58 4.63
C LYS A 235 -10.46 -14.81 5.22
N PHE A 236 -10.14 -13.68 4.61
N PHE A 236 -10.12 -13.70 4.59
CA PHE A 236 -9.02 -12.83 5.03
CA PHE A 236 -9.06 -12.84 5.09
C PHE A 236 -9.47 -11.38 5.07
C PHE A 236 -9.54 -11.40 5.12
N GLY A 237 -9.11 -10.66 6.15
CA GLY A 237 -9.34 -9.23 6.20
C GLY A 237 -8.39 -8.50 7.12
N ARG A 238 -8.67 -7.21 7.30
CA ARG A 238 -7.81 -6.33 8.06
C ARG A 238 -8.67 -5.36 8.88
N GLY A 239 -8.35 -5.21 10.15
CA GLY A 239 -9.04 -4.20 10.99
C GLY A 239 -8.59 -2.81 10.59
N THR A 240 -9.27 -1.82 11.16
CA THR A 240 -9.02 -0.42 10.85
C THR A 240 -7.60 -0.03 11.21
N HIS A 241 -7.07 -0.67 12.24
CA HIS A 241 -5.70 -0.36 12.65
C HIS A 241 -4.73 -1.50 12.31
N GLY A 242 -5.00 -2.16 11.18
CA GLY A 242 -4.12 -3.19 10.61
C GLY A 242 -4.17 -4.60 11.22
N GLU A 243 -5.04 -4.82 12.20
CA GLU A 243 -5.21 -6.14 12.85
C GLU A 243 -5.56 -7.23 11.80
N VAL A 244 -4.79 -8.30 11.73
CA VAL A 244 -5.04 -9.34 10.73
C VAL A 244 -6.29 -10.14 11.14
N TRP A 245 -7.21 -10.31 10.19
CA TRP A 245 -8.35 -11.23 10.37
C TRP A 245 -8.18 -12.45 9.44
N GLN A 246 -8.26 -13.65 10.02
N GLN A 246 -8.24 -13.64 10.03
CA GLN A 246 -8.22 -14.90 9.26
CA GLN A 246 -8.24 -14.90 9.30
C GLN A 246 -9.32 -15.81 9.81
C GLN A 246 -9.39 -15.71 9.86
N LEU A 247 -10.34 -16.07 8.99
CA LEU A 247 -11.57 -16.77 9.45
C LEU A 247 -11.21 -18.04 10.20
N PHE A 248 -10.29 -18.83 9.64
CA PHE A 248 -9.98 -20.13 10.24
C PHE A 248 -9.21 -20.04 11.53
N ASP A 249 -8.61 -18.89 11.79
CA ASP A 249 -7.85 -18.71 13.02
C ASP A 249 -8.73 -18.06 14.09
N HIS A 250 -9.67 -17.22 13.69
CA HIS A 250 -10.29 -16.26 14.60
C HIS A 250 -11.80 -16.45 14.80
N LEU A 251 -12.46 -17.08 13.82
CA LEU A 251 -13.92 -17.30 13.96
C LEU A 251 -14.42 -17.95 15.26
N PRO A 252 -13.75 -18.99 15.79
CA PRO A 252 -14.25 -19.55 17.06
C PRO A 252 -14.37 -18.54 18.22
N LEU A 253 -13.35 -17.70 18.39
CA LEU A 253 -13.42 -16.66 19.42
C LEU A 253 -14.52 -15.68 19.09
N LEU A 255 -17.37 -16.08 17.46
CA LEU A 255 -18.72 -16.60 17.74
C LEU A 255 -18.97 -16.71 19.24
N ASP A 256 -17.94 -17.07 20.00
N ASP A 256 -17.93 -17.05 19.98
CA ASP A 256 -18.07 -17.14 21.45
CA ASP A 256 -18.01 -17.12 21.44
C ASP A 256 -18.37 -15.77 22.06
C ASP A 256 -18.38 -15.77 22.02
N ILE A 257 -17.69 -14.72 21.57
CA ILE A 257 -17.97 -13.35 22.03
C ILE A 257 -19.38 -12.97 21.58
N CYS A 258 -19.74 -13.28 20.32
CA CYS A 258 -21.13 -13.03 19.88
C CYS A 258 -22.15 -13.63 20.85
N ARG A 259 -21.92 -14.87 21.26
CA ARG A 259 -22.84 -15.48 22.23
C ARG A 259 -22.94 -14.66 23.50
N GLU A 260 -21.79 -14.21 24.01
CA GLU A 260 -21.74 -13.40 25.23
C GLU A 260 -22.44 -12.03 25.10
N ILE A 261 -22.65 -11.57 23.87
CA ILE A 261 -23.39 -10.31 23.65
C ILE A 261 -24.79 -10.51 23.04
N LEU A 262 -25.32 -11.73 23.11
CA LEU A 262 -26.75 -11.96 22.82
C LEU A 262 -27.60 -11.64 24.04
N SER A 263 -28.71 -10.95 23.80
CA SER A 263 -29.68 -10.70 24.86
C SER A 263 -30.33 -12.00 25.36
N PRO A 264 -30.87 -12.00 26.59
CA PRO A 264 -31.66 -13.14 27.09
C PRO A 264 -32.82 -13.50 26.16
N LYS A 265 -33.43 -12.50 25.52
CA LYS A 265 -34.55 -12.74 24.59
C LYS A 265 -34.11 -12.71 23.13
N ALA A 266 -32.84 -13.07 22.86
CA ALA A 266 -32.30 -13.04 21.51
C ALA A 266 -33.12 -13.89 20.52
N LEU A 267 -33.23 -13.38 19.30
CA LEU A 267 -33.94 -14.06 18.22
C LEU A 267 -33.05 -14.80 17.24
N GLY A 268 -31.76 -14.45 17.20
CA GLY A 268 -30.92 -15.19 16.30
C GLY A 268 -29.47 -14.75 16.18
N LEU A 269 -28.62 -15.71 15.82
CA LEU A 269 -27.25 -15.40 15.47
C LEU A 269 -27.03 -16.03 14.13
N VAL A 270 -26.64 -15.21 13.13
CA VAL A 270 -26.58 -15.67 11.76
C VAL A 270 -25.17 -15.48 11.22
N LEU A 271 -24.55 -16.58 10.81
CA LEU A 271 -23.22 -16.54 10.20
C LEU A 271 -23.34 -16.84 8.71
N THR A 272 -22.73 -16.00 7.89
CA THR A 272 -22.60 -16.25 6.44
C THR A 272 -21.11 -16.29 6.09
N ALA A 273 -20.74 -17.18 5.16
CA ALA A 273 -19.34 -17.35 4.79
C ALA A 273 -19.16 -17.62 3.30
N TYR A 274 -18.34 -16.80 2.64
N TYR A 274 -18.37 -16.74 2.66
CA TYR A 274 -18.05 -17.00 1.24
CA TYR A 274 -18.02 -16.76 1.24
C TYR A 274 -16.87 -17.96 1.03
C TYR A 274 -16.59 -17.21 0.96
N SER A 275 -16.31 -18.46 2.14
N SER A 275 -16.44 -18.01 -0.09
CA SER A 275 -15.21 -19.44 2.08
CA SER A 275 -15.15 -18.23 -0.76
C SER A 275 -15.75 -20.83 1.71
C SER A 275 -14.12 -18.90 0.13
N ILE A 276 -16.25 -20.95 0.48
N ILE A 276 -14.60 -19.86 0.93
CA ILE A 276 -16.84 -22.16 -0.13
CA ILE A 276 -13.77 -20.57 1.89
C ILE A 276 -16.02 -23.45 0.03
C ILE A 276 -13.67 -22.09 1.63
N ARG A 277 -14.72 -23.33 0.22
N ARG A 277 -12.54 -22.70 1.98
CA ARG A 277 -13.88 -24.54 0.29
CA ARG A 277 -12.36 -24.15 1.78
C ARG A 277 -14.23 -25.40 1.51
C ARG A 277 -12.82 -24.93 3.01
N ALA A 278 -14.55 -24.74 2.62
N ALA A 278 -14.13 -25.10 3.03
CA ALA A 278 -15.03 -25.44 3.81
CA ALA A 278 -14.83 -25.72 4.14
C ALA A 278 -16.38 -26.06 3.51
C ALA A 278 -16.29 -25.96 3.78
N SER A 279 -16.79 -27.07 4.29
CA SER A 279 -18.18 -27.51 4.17
C SER A 279 -19.06 -26.64 5.08
N PHE A 280 -20.32 -26.50 4.70
CA PHE A 280 -21.32 -25.94 5.65
C PHE A 280 -21.32 -26.74 6.96
N TYR A 281 -20.91 -28.02 6.92
CA TYR A 281 -20.88 -28.83 8.15
C TYR A 281 -19.91 -28.28 9.20
N SER A 282 -18.82 -27.66 8.74
N SER A 282 -18.80 -27.72 8.72
CA SER A 282 -17.82 -27.08 9.64
CA SER A 282 -17.79 -27.05 9.55
C SER A 282 -18.30 -25.78 10.31
C SER A 282 -18.42 -25.87 10.32
N HIS A 284 -21.61 -25.31 10.69
CA HIS A 284 -22.66 -25.94 11.51
C HIS A 284 -22.13 -26.44 12.88
N GLU A 285 -21.09 -27.29 12.87
CA GLU A 285 -20.63 -27.90 14.14
C GLU A 285 -19.99 -26.84 15.03
N LEU A 286 -19.33 -25.86 14.42
CA LEU A 286 -18.78 -24.74 15.19
C LEU A 286 -19.90 -23.98 15.89
N ARG A 288 -22.95 -25.00 16.54
CA ARG A 288 -23.62 -25.87 17.50
C ARG A 288 -22.86 -25.90 18.82
N GLU A 289 -21.54 -26.09 18.74
CA GLU A 289 -20.69 -26.15 19.94
C GLU A 289 -20.63 -24.79 20.65
N THR A 290 -20.51 -23.70 19.88
CA THR A 290 -20.61 -22.33 20.42
C THR A 290 -21.88 -22.13 21.27
N ARG A 292 -23.64 -24.42 22.82
CA ARG A 292 -23.88 -25.53 23.76
C ARG A 292 -24.57 -25.02 25.03
N GLY A 293 -25.67 -25.65 25.42
CA GLY A 293 -26.38 -25.28 26.64
C GLY A 293 -27.37 -24.13 26.46
N ALA A 294 -27.37 -23.50 25.30
CA ALA A 294 -28.27 -22.36 25.04
C ALA A 294 -29.68 -22.77 24.55
N GLY A 295 -29.89 -24.06 24.34
CA GLY A 295 -31.13 -24.54 23.74
C GLY A 295 -31.31 -24.09 22.29
N GLY A 296 -32.55 -24.13 21.81
CA GLY A 296 -32.87 -23.69 20.46
C GLY A 296 -32.40 -24.64 19.36
N VAL A 297 -32.16 -24.09 18.18
CA VAL A 297 -31.88 -24.90 17.00
C VAL A 297 -30.88 -24.20 16.08
N VAL A 298 -30.00 -24.99 15.47
CA VAL A 298 -29.02 -24.50 14.52
C VAL A 298 -29.37 -25.12 13.16
N ALA A 299 -29.65 -24.26 12.19
CA ALA A 299 -29.90 -24.69 10.83
C ALA A 299 -28.72 -24.22 9.98
N SER A 300 -28.15 -25.11 9.17
CA SER A 300 -26.99 -24.74 8.35
C SER A 300 -27.04 -25.38 6.96
N GLY A 301 -26.29 -24.80 6.02
CA GLY A 301 -26.25 -25.35 4.67
C GLY A 301 -25.65 -24.35 3.70
N GLU A 302 -26.16 -24.37 2.47
CA GLU A 302 -25.68 -23.48 1.42
C GLU A 302 -26.81 -22.55 1.02
N LEU A 303 -26.44 -21.32 0.65
CA LEU A 303 -27.34 -20.33 0.05
C LEU A 303 -27.05 -20.31 -1.46
N VAL A 304 -28.10 -20.54 -2.26
CA VAL A 304 -27.91 -20.72 -3.69
C VAL A 304 -28.85 -19.77 -4.45
N ILE A 305 -28.47 -19.46 -5.68
CA ILE A 305 -29.30 -18.74 -6.62
C ILE A 305 -29.65 -19.73 -7.74
N ARG A 306 -30.91 -19.73 -8.15
CA ARG A 306 -31.28 -20.52 -9.31
C ARG A 306 -31.41 -19.61 -10.53
N GLU A 307 -30.81 -20.03 -11.65
CA GLU A 307 -30.97 -19.33 -12.92
C GLU A 307 -32.45 -19.08 -13.17
N ALA A 308 -32.75 -17.92 -13.72
CA ALA A 308 -34.15 -17.57 -13.98
C ALA A 308 -34.46 -17.50 -15.48
N GLY A 309 -33.42 -17.55 -16.32
CA GLY A 309 -33.61 -17.45 -17.75
C GLY A 309 -34.04 -16.06 -18.17
N LEU A 310 -34.47 -15.95 -19.43
N LEU A 310 -34.58 -15.96 -19.38
CA LEU A 310 -34.85 -14.65 -20.01
CA LEU A 310 -34.95 -14.69 -20.00
C LEU A 310 -36.19 -14.18 -19.52
C LEU A 310 -36.12 -13.95 -19.34
N ASP A 311 -37.22 -14.76 -20.11
N ASP A 311 -37.02 -14.66 -18.67
CA ASP A 311 -38.58 -14.33 -19.85
CA ASP A 311 -38.20 -14.00 -18.11
C ASP A 311 -39.17 -15.11 -18.68
C ASP A 311 -38.28 -13.92 -16.58
N GLY A 312 -40.46 -15.39 -18.72
N GLY A 312 -37.23 -14.37 -15.92
CA GLY A 312 -41.08 -16.13 -17.63
CA GLY A 312 -37.28 -14.55 -14.48
C GLY A 312 -40.06 -16.47 -16.56
C GLY A 312 -38.11 -15.78 -14.23
N LYS A 313 -40.55 -16.68 -15.33
N LYS A 313 -38.38 -16.53 -15.31
CA LYS A 313 -39.71 -17.18 -14.25
CA LYS A 313 -39.51 -17.46 -15.32
C LYS A 313 -39.36 -18.65 -14.55
C LYS A 313 -39.24 -18.94 -15.65
N THR A 314 -38.17 -18.88 -15.10
N THR A 314 -38.06 -19.30 -16.12
CA THR A 314 -37.85 -20.22 -15.60
CA THR A 314 -37.71 -20.73 -16.07
C THR A 314 -36.72 -20.90 -14.84
C THR A 314 -36.70 -21.03 -14.97
N PRO A 315 -37.05 -21.95 -14.05
CA PRO A 315 -36.07 -22.62 -13.18
C PRO A 315 -34.97 -23.36 -13.98
N GLY A 316 -33.71 -23.07 -13.65
CA GLY A 316 -32.56 -23.63 -14.37
C GLY A 316 -31.63 -24.27 -13.37
N ARG A 317 -30.33 -24.06 -13.57
CA ARG A 317 -29.30 -24.65 -12.71
C ARG A 317 -29.13 -23.86 -11.40
N VAL A 318 -28.56 -24.54 -10.41
CA VAL A 318 -28.27 -23.98 -9.09
C VAL A 318 -26.83 -23.44 -9.10
N LEU A 319 -26.66 -22.17 -8.71
CA LEU A 319 -25.36 -21.59 -8.43
C LEU A 319 -25.23 -21.34 -6.94
N SER A 320 -24.44 -22.16 -6.26
CA SER A 320 -24.27 -22.02 -4.83
C SER A 320 -23.26 -20.89 -4.57
N THR A 321 -23.63 -19.96 -3.69
CA THR A 321 -22.83 -18.75 -3.46
C THR A 321 -22.03 -18.77 -2.14
N SER A 322 -22.55 -19.42 -1.11
CA SER A 322 -22.02 -19.18 0.23
C SER A 322 -22.58 -20.21 1.18
N LEU A 323 -21.98 -20.26 2.37
CA LEU A 323 -22.43 -21.11 3.47
C LEU A 323 -23.18 -20.26 4.48
N PHE A 324 -23.99 -20.92 5.28
CA PHE A 324 -24.63 -20.21 6.38
C PHE A 324 -24.86 -21.17 7.53
N SER A 325 -24.93 -20.60 8.71
CA SER A 325 -25.38 -21.29 9.89
C SER A 325 -26.14 -20.29 10.76
N ARG A 326 -27.33 -20.68 11.21
CA ARG A 326 -28.19 -19.80 11.96
C ARG A 326 -28.68 -20.49 13.25
N TRP A 327 -28.38 -19.88 14.38
CA TRP A 327 -28.94 -20.29 15.66
C TRP A 327 -30.19 -19.45 15.93
N GLU A 328 -31.25 -20.11 16.40
CA GLU A 328 -32.47 -19.43 16.83
C GLU A 328 -32.98 -20.15 18.07
N PRO A 329 -33.68 -19.40 18.97
CA PRO A 329 -34.20 -20.05 20.16
C PRO A 329 -35.37 -20.96 19.82
N LYS A 330 -35.89 -20.80 18.61
CA LYS A 330 -37.07 -21.51 18.10
C LYS A 330 -37.81 -22.35 19.13
N GLU B 15 -5.80 -14.27 -24.77
CA GLU B 15 -6.67 -13.95 -25.95
C GLU B 15 -7.58 -12.76 -25.66
N ASN B 16 -7.60 -11.82 -26.60
CA ASN B 16 -8.40 -10.61 -26.50
C ASN B 16 -9.83 -10.95 -26.88
N LEU B 17 -10.71 -10.97 -25.88
CA LEU B 17 -12.12 -11.29 -26.11
C LEU B 17 -12.97 -10.03 -26.08
N TYR B 18 -12.64 -9.09 -25.19
CA TYR B 18 -13.55 -8.00 -24.85
C TYR B 18 -13.03 -6.61 -25.20
N PHE B 19 -11.79 -6.54 -25.68
CA PHE B 19 -11.17 -5.24 -25.97
C PHE B 19 -10.74 -5.11 -27.44
N GLN B 20 -11.55 -5.68 -28.33
CA GLN B 20 -11.30 -5.59 -29.76
C GLN B 20 -11.78 -4.23 -30.29
N GLY B 21 -11.06 -3.68 -31.27
CA GLY B 21 -11.50 -2.48 -31.97
C GLY B 21 -12.71 -2.77 -32.86
N GLN B 23 -15.25 -2.69 -36.25
N GLN B 23 -15.28 -2.66 -36.24
CA GLN B 23 -15.02 -3.00 -37.67
CA GLN B 23 -15.14 -2.92 -37.66
C GLN B 23 -14.99 -1.70 -38.47
C GLN B 23 -14.94 -1.60 -38.41
N ARG B 24 -13.99 -1.59 -39.35
CA ARG B 24 -13.78 -0.42 -40.21
C ARG B 24 -13.82 -0.79 -41.69
N THR B 25 -14.05 0.19 -42.55
CA THR B 25 -13.98 -0.02 -43.98
C THR B 25 -12.91 0.86 -44.60
N GLY B 26 -12.47 0.51 -45.81
CA GLY B 26 -11.51 1.31 -46.55
C GLY B 26 -10.14 0.67 -46.58
N GLU B 27 -9.17 1.37 -47.14
N GLU B 27 -9.17 1.37 -47.16
CA GLU B 27 -7.80 0.88 -47.26
CA GLU B 27 -7.80 0.86 -47.24
C GLU B 27 -6.99 1.30 -46.04
C GLU B 27 -6.99 1.30 -46.04
N LEU B 28 -5.91 0.55 -45.77
CA LEU B 28 -4.99 0.88 -44.71
C LEU B 28 -4.28 2.15 -45.15
N PRO B 29 -3.95 3.03 -44.19
CA PRO B 29 -3.09 4.18 -44.55
C PRO B 29 -1.75 3.72 -45.12
N ALA B 30 -1.07 4.62 -45.83
CA ALA B 30 0.30 4.41 -46.25
C ALA B 30 1.18 4.19 -45.01
N GLU B 31 2.33 3.60 -45.21
CA GLU B 31 3.20 3.28 -44.08
C GLU B 31 4.65 3.66 -44.36
N HIS B 32 5.33 4.13 -43.32
CA HIS B 32 6.78 4.30 -43.36
C HIS B 32 7.26 3.50 -42.15
N VAL B 33 8.02 2.43 -42.40
CA VAL B 33 8.44 1.49 -41.34
C VAL B 33 9.63 0.65 -41.84
N PRO B 34 10.68 0.44 -41.00
CA PRO B 34 10.97 1.11 -39.72
C PRO B 34 11.44 2.55 -39.97
N VAL B 35 11.06 3.44 -39.06
CA VAL B 35 11.60 4.79 -39.02
C VAL B 35 12.34 4.93 -37.68
N ILE B 36 13.63 5.26 -37.74
CA ILE B 36 14.38 5.41 -36.49
C ILE B 36 14.51 6.91 -36.22
N LEU B 37 13.92 7.38 -35.13
CA LEU B 37 14.01 8.80 -34.77
C LEU B 37 15.16 8.94 -33.76
N GLU B 38 16.03 9.92 -33.97
N GLU B 38 16.08 9.85 -34.07
CA GLU B 38 17.22 10.04 -33.11
CA GLU B 38 17.24 10.11 -33.23
C GLU B 38 17.42 11.45 -32.59
C GLU B 38 17.03 11.46 -32.60
N SER B 39 17.88 11.52 -31.34
N SER B 39 17.03 11.49 -31.27
CA SER B 39 18.27 12.77 -30.67
CA SER B 39 16.76 12.75 -30.58
C SER B 39 19.69 12.69 -30.07
C SER B 39 17.77 13.82 -30.94
N SER B 40 20.38 13.82 -29.97
N SER B 40 17.21 14.97 -31.29
CA SER B 40 21.72 13.78 -29.41
CA SER B 40 17.96 16.16 -31.60
C SER B 40 21.96 14.72 -28.23
C SER B 40 19.26 16.12 -30.84
N GLY B 41 20.92 15.43 -27.81
N GLY B 41 19.21 15.59 -29.62
CA GLY B 41 21.00 16.30 -26.64
CA GLY B 41 20.32 15.70 -28.68
C GLY B 41 21.62 17.68 -26.82
C GLY B 41 20.59 17.19 -28.54
N ALA B 42 21.31 18.34 -27.92
N ALA B 42 19.78 17.86 -27.74
CA ALA B 42 21.80 19.70 -28.10
CA ALA B 42 19.82 19.31 -27.66
C ALA B 42 21.09 20.66 -27.14
C ALA B 42 19.55 19.88 -26.27
N GLY B 43 20.83 20.19 -25.91
N GLY B 43 20.38 20.87 -25.89
CA GLY B 43 20.13 20.99 -24.90
CA GLY B 43 20.14 21.74 -24.74
C GLY B 43 20.66 20.71 -23.50
C GLY B 43 20.74 21.34 -23.40
N ASP B 44 19.85 21.00 -22.47
CA ASP B 44 20.22 20.71 -21.09
C ASP B 44 20.44 19.21 -20.88
N PHE B 45 20.27 18.40 -21.91
CA PHE B 45 20.49 16.96 -21.78
C PHE B 45 21.43 16.42 -22.84
N HIS B 46 22.36 15.57 -22.45
CA HIS B 46 22.97 14.63 -23.40
C HIS B 46 23.43 13.38 -22.67
N LEU B 47 23.50 12.29 -23.41
CA LEU B 47 24.10 11.05 -22.93
C LEU B 47 25.62 11.12 -23.10
N ILE B 48 26.36 11.01 -21.99
CA ILE B 48 27.82 11.15 -22.04
C ILE B 48 28.46 9.82 -22.47
N ASP B 49 28.03 8.74 -21.81
CA ASP B 49 28.63 7.43 -22.01
C ASP B 49 27.64 6.39 -21.47
N SER B 50 27.91 5.13 -21.79
CA SER B 50 27.10 4.04 -21.30
C SER B 50 27.90 2.77 -21.43
N GLY B 51 27.47 1.75 -20.69
CA GLY B 51 28.10 0.43 -20.76
C GLY B 51 28.04 -0.25 -19.42
N ASN B 52 28.34 -1.55 -19.43
CA ASN B 52 28.29 -2.35 -18.22
C ASN B 52 26.98 -2.20 -17.45
N GLY B 53 25.89 -2.01 -18.18
CA GLY B 53 24.52 -1.98 -17.61
C GLY B 53 24.15 -0.65 -16.96
N LEU B 54 24.94 0.37 -17.27
CA LEU B 54 24.73 1.71 -16.74
C LEU B 54 24.78 2.79 -17.84
N LYS B 55 24.36 4.00 -17.46
CA LYS B 55 24.50 5.14 -18.34
C LYS B 55 24.91 6.37 -17.53
N LEU B 56 25.65 7.26 -18.19
CA LEU B 56 26.17 8.49 -17.61
C LEU B 56 25.58 9.64 -18.41
N GLU B 57 24.79 10.47 -17.74
CA GLU B 57 24.00 11.49 -18.44
C GLU B 57 24.21 12.86 -17.82
N GLN B 58 24.13 13.90 -18.64
CA GLN B 58 24.14 15.27 -18.16
C GLN B 58 22.71 15.81 -18.18
N TYR B 59 22.22 16.26 -17.02
CA TYR B 59 20.96 16.96 -16.90
C TYR B 59 21.23 18.35 -16.33
N GLY B 60 21.37 19.35 -17.20
CA GLY B 60 21.71 20.71 -16.76
C GLY B 60 23.00 20.67 -15.94
N ASP B 61 22.96 21.18 -14.72
CA ASP B 61 24.15 21.26 -13.87
C ASP B 61 24.61 19.92 -13.29
N TYR B 62 23.78 18.88 -13.38
CA TYR B 62 24.09 17.62 -12.72
C TYR B 62 24.45 16.51 -13.71
N ARG B 63 25.48 15.76 -13.34
CA ARG B 63 25.84 14.55 -14.03
C ARG B 63 25.36 13.38 -13.21
N VAL B 64 24.61 12.47 -13.84
CA VAL B 64 23.96 11.40 -13.12
C VAL B 64 24.33 10.04 -13.72
N VAL B 65 24.36 9.03 -12.87
CA VAL B 65 24.60 7.65 -13.28
C VAL B 65 23.34 6.88 -12.95
N ARG B 66 22.79 6.14 -13.93
CA ARG B 66 21.59 5.33 -13.70
C ARG B 66 21.74 3.97 -14.32
N PRO B 67 21.02 2.97 -13.78
CA PRO B 67 21.04 1.67 -14.47
C PRO B 67 20.41 1.74 -15.86
N GLU B 68 20.98 0.94 -16.78
CA GLU B 68 20.41 0.80 -18.13
C GLU B 68 20.83 -0.60 -18.60
N ALA B 69 19.98 -1.58 -18.35
CA ALA B 69 20.39 -2.99 -18.45
C ALA B 69 20.85 -3.32 -19.87
N GLN B 70 20.22 -2.72 -20.85
CA GLN B 70 20.56 -3.04 -22.24
C GLN B 70 21.83 -2.36 -22.74
N ALA B 71 22.41 -1.47 -21.94
CA ALA B 71 23.73 -0.92 -22.26
C ALA B 71 24.81 -1.96 -21.92
N LEU B 72 24.84 -3.02 -22.73
CA LEU B 72 25.67 -4.24 -22.52
C LEU B 72 27.14 -4.09 -22.85
N TRP B 73 27.42 -3.10 -23.70
CA TRP B 73 28.75 -2.85 -24.23
C TRP B 73 29.64 -2.21 -23.17
N ARG B 74 30.90 -2.00 -23.49
N ARG B 74 30.88 -1.93 -23.56
CA ARG B 74 31.76 -1.40 -22.47
CA ARG B 74 31.90 -1.29 -22.73
C ARG B 74 31.80 0.12 -22.58
C ARG B 74 31.71 0.22 -22.64
N PRO B 75 31.84 0.81 -21.43
CA PRO B 75 31.92 2.29 -21.40
C PRO B 75 33.22 2.78 -22.05
N LEU B 76 33.18 3.95 -22.69
CA LEU B 76 34.36 4.49 -23.36
C LEU B 76 35.03 5.62 -22.55
N VAL B 77 34.32 6.14 -21.56
CA VAL B 77 34.84 7.20 -20.69
C VAL B 77 35.40 6.58 -19.39
N PRO B 78 36.63 6.98 -18.94
CA PRO B 78 37.31 6.38 -17.78
C PRO B 78 36.48 6.31 -16.50
N ASP B 79 36.72 5.28 -15.70
N ASP B 79 36.71 5.26 -15.73
CA ASP B 79 36.00 5.08 -14.44
CA ASP B 79 35.97 5.00 -14.49
C ASP B 79 36.07 6.34 -13.57
C ASP B 79 35.90 6.21 -13.58
N ARG B 80 37.18 7.06 -13.62
N ARG B 80 37.01 6.92 -13.47
CA ARG B 80 37.38 8.21 -12.73
CA ARG B 80 37.07 8.04 -12.54
C ARG B 80 36.31 9.27 -12.94
C ARG B 80 36.02 9.08 -12.90
N VAL B 81 35.83 9.37 -14.19
CA VAL B 81 34.80 10.34 -14.59
C VAL B 81 33.41 9.91 -14.10
N TRP B 82 33.09 8.61 -14.28
CA TRP B 82 31.86 8.07 -13.76
C TRP B 82 31.77 8.23 -12.24
N GLN B 83 32.90 8.00 -11.58
N GLN B 83 32.92 8.01 -11.57
CA GLN B 83 32.97 8.12 -10.13
CA GLN B 83 33.01 8.11 -10.10
C GLN B 83 32.66 9.54 -9.68
C GLN B 83 32.92 9.57 -9.59
N ASN B 84 33.07 10.52 -10.50
CA ASN B 84 32.93 11.96 -10.20
C ASN B 84 31.50 12.49 -10.40
N ALA B 85 30.53 11.61 -10.71
CA ALA B 85 29.13 12.02 -10.97
C ALA B 85 28.51 12.71 -9.74
N ASP B 86 27.56 13.63 -9.96
CA ASP B 86 26.91 14.35 -8.84
C ASP B 86 25.92 13.45 -8.12
N ALA B 87 25.30 12.52 -8.86
CA ALA B 87 24.26 11.65 -8.28
C ALA B 87 24.22 10.29 -8.99
N ILE B 88 24.14 9.22 -8.21
CA ILE B 88 24.13 7.85 -8.71
C ILE B 88 22.91 7.14 -8.13
N PHE B 89 22.07 6.60 -9.00
CA PHE B 89 20.95 5.80 -8.54
C PHE B 89 21.37 4.36 -8.30
N THR B 90 21.05 3.89 -7.10
CA THR B 90 21.47 2.59 -6.62
C THR B 90 20.28 1.77 -6.11
N GLY B 91 20.47 0.46 -6.07
CA GLY B 91 19.53 -0.41 -5.37
C GLY B 91 18.96 -1.42 -6.34
N ASP B 92 17.80 -1.98 -6.02
CA ASP B 92 17.10 -2.98 -6.87
C ASP B 92 15.75 -2.43 -7.34
N GLY B 97 10.76 -1.25 -7.63
CA GLY B 97 11.63 -0.39 -8.46
C GLY B 97 12.44 0.62 -7.65
N GLY B 99 14.83 2.64 -4.84
CA GLY B 99 16.21 2.53 -4.43
C GLY B 99 16.64 3.72 -3.60
N ARG B 100 17.88 4.13 -3.79
CA ARG B 100 18.46 5.26 -3.07
C ARG B 100 19.47 5.99 -3.95
N TRP B 101 19.37 7.32 -4.01
CA TRP B 101 20.34 8.10 -4.72
C TRP B 101 21.54 8.35 -3.82
N ARG B 102 22.72 8.12 -4.36
CA ARG B 102 23.96 8.47 -3.70
C ARG B 102 24.44 9.79 -4.28
N PHE B 103 24.86 10.69 -3.40
CA PHE B 103 25.40 12.01 -3.79
C PHE B 103 26.83 12.10 -3.29
N PRO B 104 27.78 11.63 -4.12
CA PRO B 104 29.16 11.43 -3.64
C PRO B 104 29.88 12.70 -3.20
N LYS B 105 29.64 13.82 -3.87
CA LYS B 105 30.31 15.07 -3.52
C LYS B 105 29.75 15.76 -2.27
N GLU B 106 28.43 15.92 -2.24
CA GLU B 106 27.69 16.57 -1.16
C GLU B 106 26.19 16.38 -1.43
N ALA B 107 25.40 16.50 -0.38
CA ALA B 107 23.97 16.21 -0.43
C ALA B 107 23.31 17.17 -1.44
N LEU B 108 22.49 16.62 -2.34
CA LEU B 108 21.75 17.45 -3.30
C LEU B 108 20.29 17.61 -2.92
N GLY B 109 19.71 18.79 -3.17
CA GLY B 109 18.27 19.00 -2.93
C GLY B 109 17.42 18.13 -3.85
N GLU B 110 16.13 18.08 -3.58
CA GLU B 110 15.20 17.23 -4.30
C GLU B 110 15.12 17.55 -5.79
N THR B 111 15.12 18.84 -6.14
CA THR B 111 14.86 19.22 -7.52
C THR B 111 15.97 20.13 -8.06
N TRP B 112 16.00 20.28 -9.38
CA TRP B 112 16.93 21.22 -10.02
C TRP B 112 16.31 21.68 -11.36
N PRO B 113 16.51 22.94 -11.74
CA PRO B 113 15.85 23.46 -12.95
C PRO B 113 16.47 23.00 -14.25
N LEU B 114 15.61 22.66 -15.20
CA LEU B 114 16.00 22.22 -16.52
C LEU B 114 15.15 22.92 -17.55
N SER B 115 15.63 22.94 -18.78
CA SER B 115 14.92 23.50 -19.90
C SER B 115 15.11 22.64 -21.14
N LEU B 116 14.01 22.33 -21.83
CA LEU B 116 14.05 21.68 -23.13
C LEU B 116 13.03 22.33 -24.03
N LEU B 117 13.44 22.63 -25.27
CA LEU B 117 12.54 23.14 -26.29
C LEU B 117 11.78 24.38 -25.80
N GLY B 118 12.46 25.22 -25.02
CA GLY B 118 11.89 26.47 -24.52
C GLY B 118 11.02 26.37 -23.28
N VAL B 119 10.86 25.16 -22.75
CA VAL B 119 9.97 24.94 -21.61
C VAL B 119 10.82 24.65 -20.37
N GLU B 120 10.64 25.43 -19.31
N GLU B 120 10.65 25.45 -19.33
CA GLU B 120 11.38 25.17 -18.07
CA GLU B 120 11.31 25.20 -18.04
C GLU B 120 10.61 24.24 -17.14
C GLU B 120 10.56 24.12 -17.25
N PHE B 121 11.32 23.27 -16.57
CA PHE B 121 10.73 22.21 -15.72
C PHE B 121 11.80 21.75 -14.70
N LEU B 122 11.39 20.87 -13.79
CA LEU B 122 12.24 20.37 -12.71
C LEU B 122 12.69 18.93 -12.95
N GLY B 123 14.00 18.70 -12.87
CA GLY B 123 14.51 17.36 -12.60
C GLY B 123 14.17 17.07 -11.13
N ARG B 124 13.94 15.81 -10.81
CA ARG B 124 13.56 15.43 -9.45
C ARG B 124 14.16 14.10 -9.03
N PHE B 125 14.83 14.07 -7.88
CA PHE B 125 15.31 12.83 -7.26
C PHE B 125 14.14 12.27 -6.44
N THR B 126 13.66 11.09 -6.81
CA THR B 126 12.62 10.42 -6.03
C THR B 126 13.25 9.08 -5.61
N ALA B 127 12.46 8.14 -5.11
CA ALA B 127 13.04 6.85 -4.72
C ALA B 127 13.19 5.95 -5.94
N PHE B 128 12.75 6.44 -7.09
CA PHE B 128 12.82 5.69 -8.35
C PHE B 128 13.98 6.21 -9.24
N ARG B 129 14.24 5.45 -10.31
N ARG B 129 14.39 5.42 -10.24
CA ARG B 129 15.19 5.83 -11.31
CA ARG B 129 15.56 5.80 -11.04
C ARG B 129 14.76 7.07 -12.12
C ARG B 129 15.23 6.94 -12.00
N HIS B 130 13.45 7.36 -12.22
N HIS B 130 13.95 7.20 -12.21
CA HIS B 130 13.00 8.44 -13.10
CA HIS B 130 13.51 8.26 -13.12
C HIS B 130 13.44 9.79 -12.57
C HIS B 130 13.89 9.65 -12.57
N VAL B 131 13.98 10.64 -13.46
CA VAL B 131 14.42 11.99 -13.04
C VAL B 131 13.41 13.09 -13.37
N GLY B 132 12.25 12.69 -13.89
CA GLY B 132 11.13 13.63 -14.11
C GLY B 132 11.00 14.12 -15.54
N VAL B 133 11.69 13.46 -16.46
CA VAL B 133 11.65 13.83 -17.90
C VAL B 133 12.25 12.71 -18.71
N PHE B 134 11.71 12.50 -19.92
CA PHE B 134 12.26 11.58 -20.90
C PHE B 134 12.75 12.44 -22.06
N PRO B 135 14.02 12.88 -22.01
CA PRO B 135 14.47 13.94 -22.93
C PRO B 135 14.45 13.54 -24.40
N GLU B 136 14.56 12.24 -24.68
CA GLU B 136 14.45 11.76 -26.07
C GLU B 136 13.11 12.13 -26.74
N GLN B 137 12.06 12.30 -25.94
CA GLN B 137 10.72 12.64 -26.44
C GLN B 137 10.68 14.04 -27.10
N ILE B 138 11.75 14.80 -26.93
CA ILE B 138 11.89 16.08 -27.63
C ILE B 138 11.63 15.94 -29.15
N VAL B 139 11.95 14.78 -29.75
CA VAL B 139 11.62 14.59 -31.18
C VAL B 139 10.10 14.69 -31.41
N HIS B 140 9.33 14.04 -30.55
CA HIS B 140 7.87 14.13 -30.66
C HIS B 140 7.38 15.50 -30.22
N TRP B 141 8.01 16.09 -29.21
CA TRP B 141 7.63 17.49 -28.86
C TRP B 141 7.82 18.48 -30.00
N GLU B 142 8.89 18.31 -30.79
CA GLU B 142 9.17 19.18 -31.95
C GLU B 142 8.11 19.04 -33.03
N TRP B 143 7.73 17.79 -33.32
CA TRP B 143 6.62 17.50 -34.22
C TRP B 143 5.34 18.22 -33.73
N LEU B 144 5.07 18.12 -32.43
CA LEU B 144 3.91 18.73 -31.81
C LEU B 144 3.95 20.25 -31.89
N LYS B 145 5.06 20.83 -31.43
CA LYS B 145 5.29 22.28 -31.48
C LYS B 145 5.03 22.83 -32.88
N ASN B 146 5.60 22.19 -33.89
CA ASN B 146 5.43 22.59 -35.29
C ASN B 146 3.96 22.49 -35.77
N ALA B 147 3.33 21.36 -35.45
CA ALA B 147 1.93 21.12 -35.82
C ALA B 147 1.03 22.22 -35.27
N VAL B 148 1.22 22.56 -34.00
CA VAL B 148 0.40 23.59 -33.35
C VAL B 148 0.71 25.00 -33.89
N GLU B 149 1.99 25.32 -33.98
CA GLU B 149 2.43 26.63 -34.44
C GLU B 149 1.94 26.96 -35.84
N THR B 150 2.04 25.98 -36.74
CA THR B 150 1.77 26.24 -38.14
C THR B 150 0.27 26.12 -38.46
N ALA B 151 -0.50 25.63 -37.49
CA ALA B 151 -1.97 25.56 -37.62
C ALA B 151 -2.59 26.94 -37.80
N ASP B 152 -3.43 27.03 -38.83
N ASP B 152 -3.48 27.07 -38.79
CA ASP B 152 -4.30 28.16 -39.10
CA ASP B 152 -4.23 28.31 -39.01
C ASP B 152 -5.17 28.50 -37.89
C ASP B 152 -5.53 28.35 -38.21
N ARG B 153 -5.64 27.46 -37.21
CA ARG B 153 -6.68 27.55 -36.20
C ARG B 153 -6.18 27.12 -34.81
N PRO B 154 -6.89 27.55 -33.75
CA PRO B 154 -6.63 27.05 -32.41
C PRO B 154 -6.81 25.51 -32.33
N LEU B 155 -5.86 24.81 -31.70
CA LEU B 155 -5.91 23.36 -31.69
C LEU B 155 -6.20 22.81 -30.30
N LYS B 156 -6.93 21.69 -30.27
CA LYS B 156 -7.19 20.98 -29.02
C LYS B 156 -6.23 19.79 -28.97
N VAL B 157 -5.37 19.76 -27.93
CA VAL B 157 -4.37 18.70 -27.76
C VAL B 157 -4.65 17.87 -26.50
N LEU B 158 -4.76 16.57 -26.68
CA LEU B 158 -4.99 15.63 -25.59
C LEU B 158 -3.67 14.87 -25.35
N ASN B 159 -3.24 14.83 -24.10
CA ASN B 159 -2.02 14.18 -23.70
C ASN B 159 -2.37 13.13 -22.63
N LEU B 160 -2.42 11.87 -23.05
CA LEU B 160 -2.80 10.76 -22.16
C LEU B 160 -1.57 10.12 -21.50
N PHE B 161 -1.70 9.75 -20.23
CA PHE B 161 -0.58 9.22 -19.42
C PHE B 161 0.52 10.30 -19.36
N GLY B 162 0.10 11.55 -19.13
CA GLY B 162 0.96 12.71 -19.34
C GLY B 162 2.17 12.89 -18.42
N TYR B 163 2.19 12.20 -17.28
CA TYR B 163 3.38 12.18 -16.41
C TYR B 163 3.73 13.62 -15.95
N THR B 164 4.99 14.03 -16.06
CA THR B 164 5.41 15.35 -15.60
C THR B 164 5.02 16.47 -16.60
N GLY B 165 4.41 16.09 -17.72
CA GLY B 165 3.70 17.04 -18.59
C GLY B 165 4.52 17.96 -19.50
N VAL B 166 5.76 17.60 -19.83
CA VAL B 166 6.55 18.49 -20.71
C VAL B 166 5.86 18.67 -22.08
N ALA B 167 5.29 17.60 -22.63
CA ALA B 167 4.54 17.72 -23.89
C ALA B 167 3.33 18.65 -23.76
N SER B 168 2.64 18.58 -22.62
CA SER B 168 1.49 19.46 -22.35
C SER B 168 1.91 20.92 -22.37
N LEU B 169 3.07 21.20 -21.76
CA LEU B 169 3.60 22.55 -21.69
C LEU B 169 4.07 23.06 -23.05
N VAL B 170 4.75 22.19 -23.81
CA VAL B 170 5.14 22.51 -25.20
C VAL B 170 3.91 22.90 -26.03
N ALA B 171 2.87 22.07 -25.98
CA ALA B 171 1.62 22.37 -26.69
C ALA B 171 0.98 23.68 -26.19
N ALA B 172 0.96 23.90 -24.88
CA ALA B 172 0.38 25.13 -24.31
C ALA B 172 1.16 26.36 -24.75
N ALA B 173 2.49 26.24 -24.78
CA ALA B 173 3.36 27.35 -25.16
C ALA B 173 3.15 27.70 -26.63
N ALA B 174 2.87 26.69 -27.45
CA ALA B 174 2.59 26.93 -28.88
C ALA B 174 1.19 27.48 -29.13
N GLY B 175 0.36 27.52 -28.09
CA GLY B 175 -0.97 28.14 -28.16
C GLY B 175 -2.13 27.17 -28.26
N ALA B 176 -1.91 25.89 -27.95
CA ALA B 176 -3.00 24.92 -28.01
C ALA B 176 -3.84 24.93 -26.73
N GLU B 177 -5.09 24.47 -26.84
N GLU B 177 -5.09 24.47 -26.84
CA GLU B 177 -5.93 24.19 -25.69
CA GLU B 177 -5.95 24.17 -25.70
C GLU B 177 -5.64 22.74 -25.30
C GLU B 177 -5.64 22.73 -25.30
N VAL B 178 -5.05 22.56 -24.12
CA VAL B 178 -4.50 21.23 -23.72
C VAL B 178 -5.31 20.56 -22.63
N THR B 179 -5.54 19.26 -22.80
CA THR B 179 -6.10 18.41 -21.75
C THR B 179 -5.05 17.35 -21.41
N HIS B 180 -4.62 17.36 -20.16
CA HIS B 180 -3.56 16.46 -19.70
C HIS B 180 -4.19 15.44 -18.76
N VAL B 181 -4.02 14.15 -19.07
CA VAL B 181 -4.67 13.11 -18.27
C VAL B 181 -3.62 12.19 -17.62
N ASP B 182 -3.68 12.05 -16.30
CA ASP B 182 -2.82 11.09 -15.62
C ASP B 182 -3.60 10.57 -14.40
N ALA B 183 -3.49 9.28 -14.12
CA ALA B 183 -4.21 8.68 -13.01
C ALA B 183 -3.62 9.08 -11.64
N SER B 184 -2.38 9.59 -11.64
CA SER B 184 -1.65 9.86 -10.39
C SER B 184 -1.77 11.34 -9.99
N LYS B 185 -2.42 11.60 -8.86
CA LYS B 185 -2.49 12.96 -8.34
C LYS B 185 -1.08 13.51 -8.06
N LYS B 186 -0.19 12.65 -7.58
CA LYS B 186 1.20 13.06 -7.33
C LYS B 186 1.85 13.56 -8.62
N ALA B 187 1.68 12.81 -9.70
CA ALA B 187 2.25 13.22 -11.00
C ALA B 187 1.64 14.52 -11.52
N ILE B 188 0.32 14.69 -11.35
CA ILE B 188 -0.38 15.93 -11.72
C ILE B 188 0.26 17.09 -10.95
N GLY B 189 0.46 16.89 -9.66
CA GLY B 189 1.14 17.88 -8.81
C GLY B 189 2.50 18.29 -9.37
N TRP B 190 3.31 17.32 -9.75
CA TRP B 190 4.61 17.62 -10.38
C TRP B 190 4.48 18.40 -11.69
N ALA B 191 3.57 17.95 -12.55
CA ALA B 191 3.28 18.65 -13.80
C ALA B 191 2.82 20.10 -13.57
N LYS B 192 1.96 20.33 -12.56
CA LYS B 192 1.53 21.68 -12.23
C LYS B 192 2.71 22.56 -11.74
N GLU B 193 3.64 21.95 -11.01
CA GLU B 193 4.85 22.65 -10.57
C GLU B 193 5.67 23.12 -11.76
N ASN B 194 5.74 22.27 -12.79
CA ASN B 194 6.41 22.60 -14.04
C ASN B 194 5.70 23.70 -14.78
N GLN B 195 4.38 23.63 -14.82
CA GLN B 195 3.56 24.68 -15.44
C GLN B 195 3.88 26.07 -14.85
N VAL B 196 3.94 26.13 -13.52
CA VAL B 196 4.28 27.40 -12.83
C VAL B 196 5.70 27.86 -13.19
N LEU B 197 6.66 26.94 -13.11
CA LEU B 197 8.05 27.29 -13.41
C LEU B 197 8.21 27.75 -14.86
N ALA B 198 7.44 27.14 -15.76
CA ALA B 198 7.50 27.48 -17.18
C ALA B 198 6.78 28.79 -17.54
N GLY B 199 6.09 29.38 -16.57
CA GLY B 199 5.36 30.63 -16.79
C GLY B 199 4.07 30.41 -17.55
N LEU B 200 3.48 29.23 -17.40
CA LEU B 200 2.27 28.88 -18.13
C LEU B 200 1.02 28.71 -17.25
N GLU B 201 1.01 29.37 -16.10
N GLU B 201 1.09 29.24 -16.03
CA GLU B 201 -0.18 29.42 -15.23
CA GLU B 201 0.06 29.09 -14.99
C GLU B 201 -1.43 29.97 -15.91
C GLU B 201 -1.32 29.42 -15.54
N GLN B 202 -1.30 30.92 -16.84
N GLN B 202 -1.35 30.43 -16.43
CA GLN B 202 -2.47 31.46 -17.52
CA GLN B 202 -2.57 30.97 -17.08
C GLN B 202 -2.83 30.69 -18.77
C GLN B 202 -3.00 30.27 -18.37
N ALA B 203 -2.05 29.65 -19.09
CA ALA B 203 -2.33 28.85 -20.30
C ALA B 203 -3.51 27.88 -20.11
N PRO B 204 -4.29 27.66 -21.18
CA PRO B 204 -5.42 26.73 -21.09
C PRO B 204 -4.97 25.27 -21.00
N ILE B 205 -4.57 24.82 -19.81
CA ILE B 205 -4.30 23.39 -19.60
C ILE B 205 -5.35 22.86 -18.60
N ARG B 206 -6.13 21.88 -19.04
N ARG B 206 -6.10 21.86 -19.05
CA ARG B 206 -7.06 21.18 -18.18
CA ARG B 206 -7.07 21.16 -18.22
C ARG B 206 -6.36 19.95 -17.61
C ARG B 206 -6.39 19.93 -17.61
N TRP B 207 -6.35 19.86 -16.28
CA TRP B 207 -5.65 18.76 -15.58
C TRP B 207 -6.68 17.73 -15.12
N ILE B 208 -6.57 16.52 -15.65
CA ILE B 208 -7.57 15.49 -15.39
C ILE B 208 -6.88 14.35 -14.65
N CYS B 209 -7.34 14.07 -13.43
CA CYS B 209 -6.81 12.94 -12.67
C CYS B 209 -7.83 11.80 -12.75
N GLU B 210 -7.60 10.89 -13.69
CA GLU B 210 -8.55 9.83 -14.01
C GLU B 210 -7.83 8.72 -14.77
N ASP B 211 -8.39 7.50 -14.72
CA ASP B 211 -7.94 6.46 -15.62
C ASP B 211 -8.06 7.01 -17.07
N ALA B 212 -7.03 6.78 -17.90
CA ALA B 212 -7.00 7.37 -19.25
C ALA B 212 -8.06 6.82 -20.19
N LYS B 214 -10.92 5.27 -19.37
CA LYS B 214 -12.19 5.74 -18.85
C LYS B 214 -12.47 7.16 -19.33
N PHE B 215 -11.48 8.06 -19.17
CA PHE B 215 -11.68 9.44 -19.61
C PHE B 215 -12.02 9.53 -21.08
N ILE B 216 -11.24 8.83 -21.93
CA ILE B 216 -11.52 8.91 -23.37
C ILE B 216 -12.84 8.24 -23.79
N GLN B 217 -13.22 7.13 -23.15
CA GLN B 217 -14.55 6.57 -23.42
C GLN B 217 -15.65 7.53 -23.01
N ARG B 218 -15.46 8.24 -21.90
CA ARG B 218 -16.47 9.25 -21.49
C ARG B 218 -16.50 10.45 -22.46
N GLU B 219 -15.34 10.84 -23.00
CA GLU B 219 -15.25 11.90 -24.00
C GLU B 219 -16.00 11.49 -25.26
N GLU B 220 -15.83 10.23 -25.67
CA GLU B 220 -16.56 9.67 -26.81
C GLU B 220 -18.07 9.76 -26.58
N ARG B 221 -18.52 9.37 -25.39
CA ARG B 221 -19.94 9.46 -25.04
C ARG B 221 -20.43 10.91 -25.14
N ARG B 222 -19.59 11.85 -24.70
CA ARG B 222 -19.89 13.30 -24.77
C ARG B 222 -19.82 13.90 -26.18
N GLY B 223 -19.23 13.20 -27.12
CA GLY B 223 -18.98 13.76 -28.46
C GLY B 223 -17.80 14.73 -28.55
N SER B 224 -16.88 14.68 -27.58
CA SER B 224 -15.71 15.55 -27.59
C SER B 224 -14.72 15.17 -28.69
N THR B 225 -14.01 16.16 -29.22
CA THR B 225 -12.98 15.89 -30.23
C THR B 225 -11.68 16.61 -29.95
N TYR B 226 -10.60 16.06 -30.48
CA TYR B 226 -9.27 16.60 -30.30
C TYR B 226 -8.57 16.58 -31.64
N ASP B 227 -7.75 17.60 -31.87
CA ASP B 227 -6.99 17.72 -33.11
C ASP B 227 -5.72 16.89 -33.10
N ILE B 228 -5.11 16.78 -31.92
CA ILE B 228 -3.92 15.95 -31.72
C ILE B 228 -4.09 15.14 -30.43
N ILE B 229 -3.77 13.85 -30.51
CA ILE B 229 -3.76 12.99 -29.33
C ILE B 229 -2.37 12.38 -29.20
N LEU B 230 -1.76 12.55 -28.03
CA LEU B 230 -0.56 11.81 -27.66
C LEU B 230 -0.93 10.85 -26.57
N THR B 231 -0.33 9.66 -26.61
CA THR B 231 -0.60 8.68 -25.60
C THR B 231 0.68 7.88 -25.30
N ASP B 232 1.04 7.84 -24.03
CA ASP B 232 2.27 7.20 -23.58
C ASP B 232 1.96 6.07 -22.56
N PRO B 233 1.19 5.05 -22.98
CA PRO B 233 0.79 4.04 -22.01
C PRO B 233 1.95 3.17 -21.49
N PRO B 234 1.99 2.90 -20.17
CA PRO B 234 2.98 1.97 -19.63
C PRO B 234 2.54 0.54 -19.93
N LYS B 235 3.43 -0.43 -19.76
CA LYS B 235 3.03 -1.82 -19.87
C LYS B 235 1.93 -2.17 -18.86
N PHE B 236 2.07 -1.68 -17.64
N PHE B 236 2.09 -1.70 -17.63
CA PHE B 236 1.08 -1.91 -16.59
CA PHE B 236 1.12 -1.92 -16.56
C PHE B 236 0.85 -0.63 -15.80
C PHE B 236 0.85 -0.58 -15.87
N GLY B 237 -0.41 -0.35 -15.48
CA GLY B 237 -0.72 0.80 -14.63
C GLY B 237 -2.01 0.60 -13.89
N ARG B 238 -2.41 1.62 -13.14
N ARG B 238 -2.39 1.59 -13.09
CA ARG B 238 -3.64 1.58 -12.34
CA ARG B 238 -3.66 1.56 -12.37
C ARG B 238 -4.35 2.92 -12.47
C ARG B 238 -4.34 2.91 -12.52
N GLY B 239 -5.65 2.88 -12.73
CA GLY B 239 -6.43 4.13 -12.87
C GLY B 239 -6.64 4.73 -11.50
N THR B 240 -7.19 5.93 -11.47
CA THR B 240 -7.39 6.67 -10.20
C THR B 240 -8.24 5.87 -9.21
N HIS B 241 -9.17 5.06 -9.72
CA HIS B 241 -10.01 4.24 -8.88
C HIS B 241 -9.71 2.73 -9.00
N GLY B 242 -8.43 2.41 -9.18
CA GLY B 242 -7.95 1.03 -9.17
C GLY B 242 -8.06 0.27 -10.48
N GLU B 243 -8.63 0.90 -11.52
CA GLU B 243 -8.85 0.21 -12.83
C GLU B 243 -7.53 -0.36 -13.37
N VAL B 244 -7.47 -1.65 -13.63
CA VAL B 244 -6.18 -2.22 -14.06
C VAL B 244 -5.93 -1.89 -15.53
N TRP B 245 -4.77 -1.30 -15.83
CA TRP B 245 -4.34 -1.06 -17.21
C TRP B 245 -3.24 -2.06 -17.58
N GLN B 246 -3.44 -2.81 -18.66
N GLN B 246 -3.45 -2.78 -18.68
CA GLN B 246 -2.39 -3.68 -19.20
CA GLN B 246 -2.49 -3.72 -19.23
C GLN B 246 -2.33 -3.49 -20.71
C GLN B 246 -2.39 -3.41 -20.72
N LEU B 247 -1.22 -2.93 -21.16
CA LEU B 247 -1.04 -2.51 -22.56
C LEU B 247 -1.48 -3.58 -23.54
N PHE B 248 -1.02 -4.82 -23.36
CA PHE B 248 -1.39 -5.87 -24.31
C PHE B 248 -2.83 -6.36 -24.25
N ASP B 249 -3.54 -6.04 -23.16
CA ASP B 249 -4.94 -6.38 -23.09
C ASP B 249 -5.80 -5.23 -23.62
N HIS B 250 -5.34 -3.99 -23.45
CA HIS B 250 -6.23 -2.82 -23.56
C HIS B 250 -5.91 -1.86 -24.69
N LEU B 251 -4.70 -1.91 -25.21
CA LEU B 251 -4.30 -0.93 -26.24
C LEU B 251 -5.22 -0.88 -27.48
N PRO B 252 -5.63 -2.04 -28.04
CA PRO B 252 -6.52 -2.00 -29.23
C PRO B 252 -7.76 -1.15 -28.99
N LEU B 253 -8.41 -1.34 -27.84
CA LEU B 253 -9.60 -0.52 -27.54
C LEU B 253 -9.23 0.95 -27.35
N LEU B 255 -6.76 2.76 -28.67
CA LEU B 255 -6.52 3.41 -29.97
C LEU B 255 -7.82 3.61 -30.75
N ASP B 256 -8.71 2.63 -30.69
CA ASP B 256 -9.99 2.74 -31.36
C ASP B 256 -10.80 3.92 -30.80
N ILE B 257 -10.83 4.06 -29.46
CA ILE B 257 -11.54 5.21 -28.87
C ILE B 257 -10.85 6.54 -29.25
N CYS B 258 -9.51 6.55 -29.22
CA CYS B 258 -8.77 7.72 -29.69
C CYS B 258 -9.21 8.16 -31.08
N ARG B 259 -9.31 7.19 -32.01
CA ARG B 259 -9.78 7.54 -33.34
C ARG B 259 -11.17 8.18 -33.31
N GLU B 260 -12.07 7.63 -32.48
CA GLU B 260 -13.43 8.13 -32.38
C GLU B 260 -13.49 9.54 -31.83
N ILE B 261 -12.46 9.97 -31.10
CA ILE B 261 -12.43 11.34 -30.56
C ILE B 261 -11.44 12.29 -31.27
N LEU B 262 -10.98 11.87 -32.45
CA LEU B 262 -10.24 12.78 -33.32
C LEU B 262 -11.20 13.67 -34.08
N SER B 263 -10.82 14.94 -34.25
CA SER B 263 -11.62 15.90 -35.05
C SER B 263 -11.51 15.57 -36.55
N PRO B 264 -12.50 16.01 -37.36
CA PRO B 264 -12.44 15.80 -38.82
C PRO B 264 -11.14 16.28 -39.44
N LYS B 265 -10.59 17.39 -38.93
CA LYS B 265 -9.32 17.95 -39.44
C LYS B 265 -8.14 17.65 -38.51
N ALA B 266 -8.16 16.49 -37.83
CA ALA B 266 -7.13 16.12 -36.88
C ALA B 266 -5.73 16.13 -37.54
N LEU B 267 -4.71 16.49 -36.77
CA LEU B 267 -3.34 16.55 -37.29
C LEU B 267 -2.48 15.32 -36.95
N GLY B 268 -2.87 14.58 -35.92
CA GLY B 268 -2.10 13.37 -35.60
C GLY B 268 -2.53 12.60 -34.38
N LEU B 269 -2.12 11.35 -34.36
CA LEU B 269 -2.29 10.48 -33.21
C LEU B 269 -0.93 9.82 -32.98
N VAL B 270 -0.34 10.10 -31.81
CA VAL B 270 1.03 9.64 -31.53
C VAL B 270 1.02 8.66 -30.37
N LEU B 271 1.45 7.44 -30.64
CA LEU B 271 1.59 6.43 -29.62
C LEU B 271 3.09 6.24 -29.28
N THR B 272 3.43 6.34 -28.00
CA THR B 272 4.79 6.00 -27.54
C THR B 272 4.73 4.89 -26.49
N ALA B 273 5.69 3.97 -26.54
CA ALA B 273 5.59 2.77 -25.70
C ALA B 273 6.97 2.39 -25.20
N TYR B 274 7.14 2.36 -23.88
N TYR B 274 7.09 2.33 -23.87
CA TYR B 274 8.40 1.93 -23.29
CA TYR B 274 8.32 1.99 -23.14
C TYR B 274 8.42 0.42 -23.09
C TYR B 274 8.26 0.59 -22.53
N SER B 275 9.43 -0.09 -22.40
N SER B 275 9.41 -0.08 -22.54
CA SER B 275 9.49 -1.52 -22.22
CA SER B 275 9.63 -1.26 -21.66
C SER B 275 9.36 -2.13 -23.63
C SER B 275 8.64 -2.43 -21.88
N ILE B 276 10.51 -2.44 -24.19
N ILE B 276 8.24 -2.64 -23.12
CA ILE B 276 10.69 -2.59 -25.61
CA ILE B 276 7.34 -3.73 -23.47
C ILE B 276 10.74 -4.06 -26.00
C ILE B 276 8.02 -4.84 -24.32
N ARG B 277 10.11 -4.91 -25.19
N ARG B 277 7.50 -6.07 -24.26
CA ARG B 277 9.95 -6.34 -25.54
CA ARG B 277 8.08 -7.18 -25.02
C ARG B 277 9.20 -6.56 -26.87
C ARG B 277 7.36 -7.24 -26.36
N ALA B 278 8.02 -5.97 -27.06
N ALA B 278 7.79 -6.33 -27.22
CA ALA B 278 7.35 -6.14 -28.34
CA ALA B 278 7.06 -5.97 -28.41
C ALA B 278 8.07 -5.30 -29.37
C ALA B 278 7.99 -5.28 -29.37
N SER B 279 7.85 -5.61 -30.64
CA SER B 279 8.49 -4.89 -31.71
C SER B 279 7.66 -3.65 -32.03
N PHE B 280 8.29 -2.60 -32.56
CA PHE B 280 7.54 -1.49 -33.18
C PHE B 280 6.61 -2.00 -34.31
N TYR B 281 6.93 -3.15 -34.93
CA TYR B 281 6.04 -3.72 -35.95
C TYR B 281 4.65 -4.03 -35.41
N SER B 282 4.57 -4.46 -34.16
N SER B 282 4.62 -4.46 -34.15
CA SER B 282 3.28 -4.74 -33.57
CA SER B 282 3.39 -4.77 -33.40
C SER B 282 2.49 -3.46 -33.34
C SER B 282 2.51 -3.54 -33.21
N HIS B 284 2.89 -0.76 -34.92
CA HIS B 284 2.66 -0.31 -36.28
C HIS B 284 1.44 -0.98 -36.94
N GLU B 285 1.36 -2.32 -36.87
CA GLU B 285 0.25 -3.03 -37.50
C GLU B 285 -1.08 -2.75 -36.79
N LEU B 286 -1.03 -2.62 -35.47
CA LEU B 286 -2.22 -2.23 -34.71
C LEU B 286 -2.67 -0.80 -35.10
N ARG B 288 -2.03 0.95 -37.88
CA ARG B 288 -2.44 0.97 -39.26
C ARG B 288 -3.88 0.43 -39.42
N GLU B 289 -4.16 -0.67 -38.74
CA GLU B 289 -5.48 -1.27 -38.76
C GLU B 289 -6.52 -0.39 -38.04
N THR B 290 -6.16 0.18 -36.90
CA THR B 290 -7.04 1.15 -36.20
C THR B 290 -7.46 2.28 -37.16
N ARG B 292 -7.74 2.30 -40.42
CA ARG B 292 -8.22 1.84 -41.73
C ARG B 292 -9.29 2.77 -42.27
N GLY B 293 -9.12 3.21 -43.52
CA GLY B 293 -10.08 4.08 -44.21
C GLY B 293 -9.94 5.55 -43.85
N ALA B 294 -8.99 5.88 -42.98
CA ALA B 294 -8.79 7.29 -42.57
C ALA B 294 -7.83 8.09 -43.46
N GLY B 295 -7.20 7.41 -44.42
CA GLY B 295 -6.16 8.03 -45.25
C GLY B 295 -4.89 8.34 -44.47
N GLY B 296 -4.03 9.17 -45.06
CA GLY B 296 -2.83 9.61 -44.39
C GLY B 296 -1.74 8.55 -44.34
N VAL B 297 -0.90 8.62 -43.32
CA VAL B 297 0.28 7.77 -43.26
C VAL B 297 0.59 7.36 -41.82
N VAL B 298 1.00 6.11 -41.61
CA VAL B 298 1.46 5.64 -40.30
C VAL B 298 2.95 5.40 -40.39
N ALA B 299 3.69 6.12 -39.56
CA ALA B 299 5.14 5.95 -39.44
C ALA B 299 5.40 5.33 -38.07
N SER B 300 6.29 4.33 -38.02
CA SER B 300 6.56 3.59 -36.77
C SER B 300 8.01 3.13 -36.71
N GLY B 301 8.50 2.94 -35.49
CA GLY B 301 9.88 2.50 -35.29
C GLY B 301 10.31 2.69 -33.87
N GLU B 302 11.57 3.08 -33.71
CA GLU B 302 12.13 3.28 -32.38
C GLU B 302 12.65 4.69 -32.27
N LEU B 303 12.61 5.19 -31.04
CA LEU B 303 13.15 6.49 -30.68
C LEU B 303 14.41 6.23 -29.88
N VAL B 304 15.52 6.82 -30.33
CA VAL B 304 16.81 6.46 -29.78
C VAL B 304 17.57 7.73 -29.39
N ILE B 305 18.51 7.58 -28.48
CA ILE B 305 19.44 8.63 -28.07
C ILE B 305 20.82 8.17 -28.56
N ARG B 306 21.64 9.08 -29.07
CA ARG B 306 23.01 8.71 -29.38
C ARG B 306 23.94 9.37 -28.36
N GLU B 307 24.94 8.62 -27.90
CA GLU B 307 25.97 9.16 -27.00
C GLU B 307 26.60 10.37 -27.68
N ALA B 308 26.95 11.38 -26.87
CA ALA B 308 27.55 12.63 -27.37
C ALA B 308 28.92 12.92 -26.71
N GLY B 309 29.36 12.04 -25.81
CA GLY B 309 30.64 12.21 -25.11
C GLY B 309 30.68 13.35 -24.10
N LEU B 310 31.84 13.54 -23.47
CA LEU B 310 32.01 14.63 -22.50
C LEU B 310 31.82 16.02 -23.10
N ASP B 311 32.24 16.21 -24.36
CA ASP B 311 32.03 17.48 -25.05
C ASP B 311 30.64 17.71 -25.65
N GLY B 312 29.77 16.71 -25.62
CA GLY B 312 28.45 16.83 -26.25
C GLY B 312 28.50 16.85 -27.77
N LYS B 313 29.67 16.67 -28.35
CA LYS B 313 29.85 16.81 -29.81
C LYS B 313 30.45 15.58 -30.45
N THR B 314 30.55 14.49 -29.71
CA THR B 314 31.25 13.32 -30.20
C THR B 314 30.24 12.20 -30.32
N PRO B 315 29.65 12.01 -31.52
CA PRO B 315 28.63 10.97 -31.69
C PRO B 315 29.18 9.58 -31.37
N GLY B 316 28.44 8.84 -30.55
CA GLY B 316 28.87 7.51 -30.16
C GLY B 316 27.84 6.44 -30.48
N ARG B 317 27.54 5.60 -29.48
CA ARG B 317 26.64 4.46 -29.68
C ARG B 317 25.19 4.88 -29.58
N VAL B 318 24.31 4.07 -30.18
CA VAL B 318 22.87 4.29 -30.10
C VAL B 318 22.30 3.59 -28.83
N LEU B 319 21.52 4.31 -28.05
CA LEU B 319 20.72 3.73 -26.97
C LEU B 319 19.23 3.92 -27.33
N SER B 320 18.57 2.83 -27.70
CA SER B 320 17.15 2.88 -28.04
C SER B 320 16.29 2.93 -26.76
N THR B 321 15.34 3.85 -26.67
CA THR B 321 14.58 4.02 -25.44
C THR B 321 13.15 3.50 -25.51
N SER B 322 12.55 3.55 -26.70
CA SER B 322 11.10 3.34 -26.78
C SER B 322 10.64 3.08 -28.19
N LEU B 323 9.40 2.64 -28.30
CA LEU B 323 8.74 2.49 -29.59
C LEU B 323 7.84 3.67 -29.83
N PHE B 324 7.48 3.88 -31.10
CA PHE B 324 6.45 4.87 -31.42
C PHE B 324 5.71 4.43 -32.67
N SER B 325 4.49 4.93 -32.78
CA SER B 325 3.73 4.83 -34.02
C SER B 325 2.89 6.10 -34.10
N ARG B 326 2.97 6.78 -35.26
CA ARG B 326 2.29 8.06 -35.44
C ARG B 326 1.46 8.03 -36.72
N TRP B 327 0.16 8.33 -36.59
CA TRP B 327 -0.70 8.55 -37.75
C TRP B 327 -0.83 10.05 -37.97
N GLU B 328 -0.68 10.45 -39.23
CA GLU B 328 -0.93 11.82 -39.66
C GLU B 328 -1.75 11.80 -40.94
N PRO B 329 -2.52 12.88 -41.19
CA PRO B 329 -3.14 12.96 -42.51
C PRO B 329 -2.09 13.22 -43.59
N LYS B 330 -0.92 13.71 -43.21
CA LYS B 330 0.21 13.92 -44.14
C LYS B 330 0.11 13.14 -45.44
N GLU C 15 28.15 -6.61 -3.16
CA GLU C 15 29.40 -5.81 -3.13
C GLU C 15 29.09 -4.33 -3.07
N ASN C 16 29.70 -3.65 -2.10
CA ASN C 16 29.49 -2.24 -1.88
C ASN C 16 30.32 -1.39 -2.84
N LEU C 17 29.66 -0.77 -3.81
CA LEU C 17 30.31 0.07 -4.84
C LEU C 17 30.21 1.55 -4.48
N TYR C 18 29.05 1.93 -3.97
CA TYR C 18 28.72 3.35 -3.85
C TYR C 18 28.61 3.90 -2.45
N PHE C 19 28.63 3.03 -1.43
CA PHE C 19 28.41 3.50 -0.05
C PHE C 19 29.58 3.16 0.87
N GLN C 20 30.78 3.23 0.29
CA GLN C 20 31.99 2.84 1.00
C GLN C 20 32.36 3.95 1.98
N GLY C 21 33.00 3.59 3.08
CA GLY C 21 33.50 4.61 3.99
C GLY C 21 34.73 5.23 3.33
N GLN C 23 38.56 6.78 2.99
N GLN C 23 38.57 6.78 3.00
CA GLN C 23 39.85 6.46 3.59
CA GLN C 23 39.85 6.42 3.61
C GLN C 23 40.20 7.53 4.63
C GLN C 23 40.27 7.51 4.59
N ARG C 24 40.68 7.09 5.79
CA ARG C 24 41.09 8.00 6.84
C ARG C 24 42.58 7.79 7.08
N THR C 25 43.24 8.81 7.61
CA THR C 25 44.62 8.67 8.04
C THR C 25 44.71 8.22 9.51
N GLY C 26 45.89 7.78 9.93
CA GLY C 26 46.15 7.54 11.35
C GLY C 26 45.93 6.09 11.77
N GLU C 27 45.90 5.84 13.08
N GLU C 27 45.94 5.86 13.10
CA GLU C 27 45.84 4.48 13.61
CA GLU C 27 45.83 4.54 13.73
C GLU C 27 44.45 4.20 14.14
C GLU C 27 44.38 4.21 14.06
N LEU C 28 44.07 2.92 14.09
CA LEU C 28 42.78 2.45 14.63
C LEU C 28 42.70 2.79 16.11
N PRO C 29 41.49 3.16 16.60
CA PRO C 29 41.41 3.42 18.03
C PRO C 29 41.63 2.15 18.86
N ALA C 30 41.83 2.31 20.17
CA ALA C 30 41.85 1.17 21.09
C ALA C 30 40.51 0.41 21.01
N GLU C 31 40.50 -0.87 21.42
CA GLU C 31 39.27 -1.67 21.42
C GLU C 31 39.04 -2.41 22.72
N HIS C 32 37.77 -2.54 23.09
N HIS C 32 37.77 -2.55 23.10
CA HIS C 32 37.32 -3.43 24.17
CA HIS C 32 37.35 -3.46 24.16
C HIS C 32 36.27 -4.33 23.54
C HIS C 32 36.27 -4.33 23.57
N VAL C 33 36.57 -5.61 23.36
CA VAL C 33 35.66 -6.53 22.63
C VAL C 33 36.00 -7.97 23.02
N PRO C 34 34.99 -8.83 23.25
CA PRO C 34 33.56 -8.54 23.34
C PRO C 34 33.27 -7.86 24.67
N VAL C 35 32.26 -6.99 24.68
CA VAL C 35 31.75 -6.46 25.95
C VAL C 35 30.27 -6.86 25.99
N ILE C 36 29.89 -7.62 27.00
CA ILE C 36 28.49 -8.01 27.16
C ILE C 36 27.84 -7.09 28.18
N LEU C 37 26.84 -6.33 27.70
CA LEU C 37 26.11 -5.41 28.57
C LEU C 37 24.85 -6.13 28.99
N GLU C 38 24.62 -6.19 30.29
CA GLU C 38 23.45 -6.89 30.78
C GLU C 38 22.56 -5.93 31.51
N SER C 39 21.30 -5.86 31.09
CA SER C 39 20.36 -4.96 31.72
C SER C 39 19.82 -5.55 33.00
N SER C 40 19.68 -4.67 33.98
CA SER C 40 18.86 -4.96 35.14
C SER C 40 17.46 -4.42 34.85
N GLY C 41 16.42 -5.11 35.33
CA GLY C 41 15.12 -4.47 35.50
C GLY C 41 15.31 -3.48 36.66
N ALA C 42 15.31 -2.15 36.41
CA ALA C 42 14.50 -1.46 35.35
C ALA C 42 13.33 -0.84 36.11
N GLY C 43 12.64 -1.64 36.92
CA GLY C 43 11.48 -1.16 37.63
C GLY C 43 10.21 -1.61 36.93
N ASP C 44 9.79 -0.89 35.89
CA ASP C 44 8.53 -1.23 35.22
C ASP C 44 8.71 -2.34 34.20
N PHE C 45 9.93 -2.86 34.03
CA PHE C 45 10.10 -3.98 33.13
C PHE C 45 10.91 -5.09 33.73
N HIS C 46 10.43 -6.34 33.59
CA HIS C 46 11.34 -7.47 33.66
C HIS C 46 10.86 -8.64 32.83
N LEU C 47 11.81 -9.47 32.42
CA LEU C 47 11.52 -10.72 31.75
C LEU C 47 11.22 -11.75 32.83
N ILE C 48 9.99 -12.27 32.82
CA ILE C 48 9.57 -13.27 33.81
C ILE C 48 10.14 -14.65 33.51
N ASP C 49 9.98 -15.07 32.27
CA ASP C 49 10.37 -16.44 31.87
C ASP C 49 10.40 -16.44 30.34
N SER C 50 10.93 -17.50 29.73
CA SER C 50 10.94 -17.60 28.29
C SER C 50 11.17 -19.06 27.95
N GLY C 51 10.87 -19.41 26.72
CA GLY C 51 11.10 -20.79 26.25
C GLY C 51 10.08 -21.18 25.20
N ASN C 52 10.34 -22.29 24.49
CA ASN C 52 9.44 -22.80 23.44
C ASN C 52 9.12 -21.74 22.40
N GLY C 53 10.08 -20.85 22.16
CA GLY C 53 9.94 -19.81 21.12
C GLY C 53 9.09 -18.63 21.56
N LEU C 54 8.87 -18.49 22.87
CA LEU C 54 8.10 -17.39 23.45
C LEU C 54 8.82 -16.69 24.59
N LYS C 55 8.37 -15.48 24.92
CA LYS C 55 8.82 -14.82 26.13
C LYS C 55 7.63 -14.23 26.89
N LEU C 56 7.75 -14.22 28.21
CA LEU C 56 6.72 -13.74 29.12
C LEU C 56 7.31 -12.55 29.86
N GLU C 57 6.75 -11.37 29.62
CA GLU C 57 7.34 -10.14 30.10
C GLU C 57 6.34 -9.36 30.95
N GLN C 58 6.84 -8.69 31.98
CA GLN C 58 6.06 -7.73 32.76
C GLN C 58 6.42 -6.30 32.34
N TYR C 59 5.41 -5.55 31.87
CA TYR C 59 5.54 -4.12 31.57
C TYR C 59 4.55 -3.39 32.47
N GLY C 60 5.02 -2.89 33.61
CA GLY C 60 4.12 -2.24 34.57
C GLY C 60 3.04 -3.23 34.95
N ASP C 61 1.77 -2.83 34.77
CA ASP C 61 0.62 -3.65 35.17
C ASP C 61 0.25 -4.74 34.16
N TYR C 62 0.91 -4.75 33.01
CA TYR C 62 0.55 -5.68 31.95
C TYR C 62 1.56 -6.81 31.83
N ARG C 63 1.07 -8.04 31.85
CA ARG C 63 1.91 -9.18 31.55
C ARG C 63 1.67 -9.60 30.08
N VAL C 64 2.74 -9.64 29.29
CA VAL C 64 2.59 -9.92 27.85
C VAL C 64 3.37 -11.17 27.39
N VAL C 65 2.77 -11.91 26.46
CA VAL C 65 3.45 -13.04 25.81
C VAL C 65 3.74 -12.63 24.37
N ARG C 66 4.99 -12.81 23.96
CA ARG C 66 5.37 -12.49 22.58
C ARG C 66 6.30 -13.55 22.05
N PRO C 67 6.29 -13.75 20.72
CA PRO C 67 7.27 -14.66 20.11
C PRO C 67 8.69 -14.19 20.39
N GLU C 68 9.57 -15.15 20.60
CA GLU C 68 11.01 -14.91 20.70
C GLU C 68 11.69 -16.17 20.14
N ALA C 69 11.98 -16.20 18.83
CA ALA C 69 12.40 -17.47 18.19
C ALA C 69 13.64 -18.09 18.86
N GLN C 70 14.55 -17.25 19.32
CA GLN C 70 15.77 -17.78 19.94
C GLN C 70 15.64 -18.32 21.35
N ALA C 71 14.48 -18.08 21.98
CA ALA C 71 14.20 -18.67 23.27
C ALA C 71 13.87 -20.15 23.07
N LEU C 72 14.89 -20.92 22.74
CA LEU C 72 14.77 -22.34 22.33
C LEU C 72 14.50 -23.33 23.45
N TRP C 73 14.89 -22.94 24.65
CA TRP C 73 14.86 -23.77 25.85
C TRP C 73 13.45 -23.90 26.40
N ARG C 74 13.27 -24.69 27.47
N ARG C 74 13.31 -24.65 27.51
CA ARG C 74 11.95 -24.84 28.08
CA ARG C 74 12.06 -24.85 28.23
C ARG C 74 11.69 -23.79 29.15
C ARG C 74 11.72 -23.68 29.15
N PRO C 75 10.44 -23.28 29.21
CA PRO C 75 9.97 -22.32 30.23
C PRO C 75 10.11 -22.95 31.61
N LEU C 76 10.53 -22.17 32.60
CA LEU C 76 10.72 -22.72 33.95
C LEU C 76 9.66 -22.29 34.98
N VAL C 77 8.91 -21.27 34.65
CA VAL C 77 7.84 -20.75 35.50
C VAL C 77 6.54 -21.50 35.17
N PRO C 78 5.72 -21.86 36.19
CA PRO C 78 4.55 -22.70 35.93
C PRO C 78 3.63 -22.14 34.86
N ASP C 79 2.96 -23.05 34.15
N ASP C 79 2.99 -23.04 34.11
CA ASP C 79 1.94 -22.72 33.16
CA ASP C 79 2.12 -22.62 33.00
C ASP C 79 0.93 -21.69 33.67
C ASP C 79 0.99 -21.69 33.48
N ARG C 80 0.48 -21.85 34.91
N ARG C 80 0.57 -21.86 34.74
CA ARG C 80 -0.53 -20.95 35.49
CA ARG C 80 -0.48 -20.98 35.29
C ARG C 80 -0.15 -19.46 35.40
C ARG C 80 -0.11 -19.50 35.16
N VAL C 81 1.15 -19.17 35.47
CA VAL C 81 1.65 -17.80 35.38
C VAL C 81 1.57 -17.29 33.91
N TRP C 82 1.93 -18.15 32.94
CA TRP C 82 1.82 -17.81 31.52
C TRP C 82 0.36 -17.65 31.10
N GLN C 83 -0.51 -18.50 31.66
N GLN C 83 -0.49 -18.51 31.64
CA GLN C 83 -1.94 -18.50 31.33
CA GLN C 83 -1.92 -18.50 31.34
C GLN C 83 -2.68 -17.33 31.98
C GLN C 83 -2.57 -17.21 31.80
N ASN C 84 -1.97 -16.60 32.84
CA ASN C 84 -2.50 -15.37 33.41
C ASN C 84 -2.01 -14.09 32.71
N ALA C 85 -1.43 -14.25 31.52
CA ALA C 85 -1.01 -13.10 30.72
C ALA C 85 -2.21 -12.23 30.36
N ASP C 86 -1.97 -10.93 30.28
CA ASP C 86 -2.97 -9.93 29.86
C ASP C 86 -3.11 -9.79 28.34
N ALA C 87 -2.01 -10.00 27.63
CA ALA C 87 -2.00 -9.80 26.19
C ALA C 87 -1.00 -10.77 25.57
N ILE C 88 -1.42 -11.42 24.48
CA ILE C 88 -0.57 -12.38 23.78
C ILE C 88 -0.52 -12.01 22.32
N PHE C 89 0.68 -11.81 21.78
CA PHE C 89 0.78 -11.48 20.37
C PHE C 89 0.81 -12.74 19.52
N THR C 90 -0.01 -12.73 18.48
CA THR C 90 -0.22 -13.91 17.65
C THR C 90 -0.16 -13.51 16.17
N GLY C 91 0.02 -14.51 15.30
CA GLY C 91 -0.12 -14.31 13.85
C GLY C 91 1.21 -14.45 13.14
N ASP C 92 1.22 -14.14 11.85
CA ASP C 92 2.47 -14.15 11.05
C ASP C 92 2.90 -12.73 10.69
N ASP C 96 2.04 -8.55 7.32
CA ASP C 96 3.47 -8.92 7.19
C ASP C 96 4.34 -8.27 8.29
N GLY C 97 4.69 -9.08 9.28
CA GLY C 97 5.02 -8.57 10.61
C GLY C 97 3.70 -8.31 11.37
N GLY C 99 -0.08 -8.89 12.86
CA GLY C 99 -0.77 -10.02 13.45
C GLY C 99 -1.97 -9.54 14.22
N ARG C 100 -2.21 -10.17 15.36
CA ARG C 100 -3.37 -9.81 16.18
C ARG C 100 -3.06 -10.11 17.64
N TRP C 101 -3.33 -9.14 18.51
CA TRP C 101 -3.22 -9.35 19.94
C TRP C 101 -4.49 -10.01 20.46
N ARG C 102 -4.28 -11.05 21.27
CA ARG C 102 -5.34 -11.71 22.03
C ARG C 102 -5.31 -11.17 23.45
N PHE C 103 -6.47 -10.75 23.96
CA PHE C 103 -6.63 -10.28 25.34
C PHE C 103 -7.57 -11.22 26.07
N PRO C 104 -7.01 -12.24 26.76
CA PRO C 104 -7.77 -13.33 27.37
C PRO C 104 -8.63 -12.94 28.56
N LYS C 105 -8.36 -11.78 29.16
N LYS C 105 -8.35 -11.82 29.21
CA LYS C 105 -9.18 -11.24 30.26
CA LYS C 105 -9.15 -11.40 30.36
C LYS C 105 -9.79 -9.89 29.88
C LYS C 105 -10.24 -10.45 29.87
N GLU C 106 -9.70 -8.91 30.77
N GLU C 106 -10.00 -9.14 29.99
CA GLU C 106 -10.37 -7.62 30.51
CA GLU C 106 -10.90 -8.16 29.40
C GLU C 106 -9.45 -6.48 30.06
C GLU C 106 -10.27 -7.58 28.12
N ALA C 107 -8.13 -6.69 30.09
N ALA C 107 -11.07 -7.10 27.18
CA ALA C 107 -7.18 -5.67 29.61
CA ALA C 107 -10.53 -6.32 26.05
C ALA C 107 -7.39 -5.48 28.11
C ALA C 107 -9.66 -5.20 26.60
N LEU C 108 -7.30 -4.23 27.67
N LEU C 108 -8.49 -5.00 26.02
CA LEU C 108 -8.07 -3.74 26.53
CA LEU C 108 -7.62 -3.92 26.48
C LEU C 108 -7.29 -2.86 25.57
C LEU C 108 -7.52 -2.80 25.45
N GLY C 109 -7.30 -1.58 25.94
CA GLY C 109 -7.13 -0.43 25.09
C GLY C 109 -5.75 -0.37 24.53
N GLU C 110 -5.51 0.68 23.78
CA GLU C 110 -4.34 0.76 22.96
C GLU C 110 -3.06 0.92 23.80
N THR C 111 -3.16 1.68 24.91
CA THR C 111 -1.95 2.15 25.59
C THR C 111 -1.97 1.95 27.09
N TRP C 112 -0.79 1.99 27.70
CA TRP C 112 -0.72 1.97 29.18
C TRP C 112 0.54 2.68 29.65
N PRO C 113 0.48 3.34 30.81
CA PRO C 113 1.65 4.14 31.17
C PRO C 113 2.78 3.33 31.81
N LEU C 114 4.02 3.71 31.46
CA LEU C 114 5.23 3.06 31.95
C LEU C 114 6.25 4.12 32.30
N SER C 115 7.24 3.74 33.12
N SER C 115 7.25 3.74 33.11
CA SER C 115 8.40 4.62 33.31
CA SER C 115 8.38 4.62 33.41
C SER C 115 9.67 3.82 33.44
C SER C 115 9.69 3.83 33.48
N LEU C 116 10.73 4.35 32.83
CA LEU C 116 12.07 3.76 32.91
C LEU C 116 13.04 4.92 33.06
N LEU C 117 14.00 4.79 33.97
CA LEU C 117 15.02 5.81 34.17
C LEU C 117 14.43 7.22 34.34
N GLY C 118 13.31 7.32 35.05
CA GLY C 118 12.70 8.60 35.36
C GLY C 118 11.85 9.23 34.26
N VAL C 119 11.70 8.51 33.14
CA VAL C 119 11.02 9.02 31.96
C VAL C 119 9.72 8.26 31.79
N GLU C 120 8.61 8.97 31.79
N GLU C 120 8.61 8.99 31.80
CA GLU C 120 7.27 8.37 31.63
CA GLU C 120 7.31 8.39 31.55
C GLU C 120 6.85 8.33 30.15
C GLU C 120 7.11 8.22 30.07
N PHE C 121 6.39 7.16 29.70
CA PHE C 121 6.08 6.92 28.30
C PHE C 121 4.94 5.89 28.23
N LEU C 122 4.44 5.63 27.03
CA LEU C 122 3.33 4.68 26.83
C LEU C 122 3.77 3.36 26.18
N GLY C 123 3.38 2.24 26.81
CA GLY C 123 3.34 0.97 26.09
C GLY C 123 2.16 1.06 25.12
N ARG C 124 2.26 0.39 23.97
CA ARG C 124 1.24 0.51 22.96
C ARG C 124 1.05 -0.79 22.19
N PHE C 125 -0.20 -1.24 22.06
CA PHE C 125 -0.54 -2.39 21.23
C PHE C 125 -0.93 -1.92 19.83
N THR C 126 -0.13 -2.28 18.83
CA THR C 126 -0.46 -2.03 17.43
C THR C 126 -0.66 -3.38 16.75
N ALA C 127 -0.71 -3.44 15.42
CA ALA C 127 -0.86 -4.75 14.76
C ALA C 127 0.48 -5.50 14.74
N PHE C 128 1.53 -4.85 15.23
CA PHE C 128 2.88 -5.44 15.22
C PHE C 128 3.26 -6.00 16.60
N ARG C 129 4.34 -6.78 16.67
N ARG C 129 4.41 -6.68 16.65
CA ARG C 129 4.72 -7.40 17.95
CA ARG C 129 4.91 -7.33 17.86
C ARG C 129 5.37 -6.37 18.88
C ARG C 129 5.49 -6.32 18.85
N HIS C 130 5.79 -5.24 18.34
N HIS C 130 5.91 -5.16 18.35
CA HIS C 130 6.43 -4.24 19.19
CA HIS C 130 6.59 -4.15 19.18
C HIS C 130 5.48 -3.72 20.28
C HIS C 130 5.61 -3.43 20.13
N VAL C 131 6.02 -3.27 21.40
CA VAL C 131 5.19 -2.66 22.46
C VAL C 131 5.46 -1.16 22.74
N GLY C 132 6.43 -0.57 22.02
CA GLY C 132 6.69 0.87 22.10
C GLY C 132 7.93 1.24 22.89
N VAL C 133 8.71 0.22 23.25
CA VAL C 133 9.96 0.44 24.00
C VAL C 133 10.81 -0.83 23.91
N PHE C 134 12.12 -0.64 23.92
CA PHE C 134 13.08 -1.72 24.02
C PHE C 134 13.75 -1.49 25.38
N PRO C 135 13.21 -2.10 26.43
CA PRO C 135 13.66 -1.67 27.75
C PRO C 135 15.13 -2.00 28.07
N GLU C 136 15.69 -3.03 27.44
CA GLU C 136 17.13 -3.36 27.55
C GLU C 136 18.03 -2.16 27.21
N GLN C 137 17.53 -1.26 26.36
CA GLN C 137 18.29 -0.07 25.95
C GLN C 137 18.57 0.89 27.12
N ILE C 138 17.95 0.65 28.26
CA ILE C 138 18.26 1.40 29.46
C ILE C 138 19.77 1.45 29.74
N VAL C 139 20.51 0.41 29.36
CA VAL C 139 21.96 0.42 29.62
C VAL C 139 22.59 1.57 28.86
N HIS C 140 22.13 1.80 27.63
CA HIS C 140 22.69 2.87 26.80
C HIS C 140 22.15 4.21 27.25
N TRP C 141 20.91 4.24 27.74
CA TRP C 141 20.34 5.50 28.22
C TRP C 141 21.06 5.96 29.48
N GLU C 142 21.48 5.00 30.30
CA GLU C 142 22.30 5.31 31.47
C GLU C 142 23.63 5.95 31.10
N TRP C 143 24.29 5.42 30.08
CA TRP C 143 25.53 5.97 29.55
C TRP C 143 25.27 7.40 29.08
N LEU C 144 24.19 7.57 28.32
CA LEU C 144 23.78 8.87 27.77
C LEU C 144 23.49 9.90 28.88
N LYS C 145 22.67 9.50 29.84
CA LYS C 145 22.31 10.35 30.97
C LYS C 145 23.55 10.81 31.74
N ASN C 146 24.44 9.88 32.07
CA ASN C 146 25.68 10.23 32.74
C ASN C 146 26.54 11.18 31.91
N ALA C 147 26.60 10.97 30.60
CA ALA C 147 27.46 11.81 29.78
C ALA C 147 26.91 13.23 29.72
N VAL C 148 25.60 13.36 29.61
CA VAL C 148 24.99 14.68 29.56
C VAL C 148 25.13 15.43 30.90
N GLU C 149 24.77 14.77 31.98
N GLU C 149 24.85 14.73 31.99
CA GLU C 149 24.66 15.44 33.28
CA GLU C 149 24.94 15.29 33.35
C GLU C 149 25.99 15.79 33.90
C GLU C 149 26.38 15.61 33.77
N THR C 150 27.06 15.10 33.46
N THR C 150 27.32 14.76 33.40
CA THR C 150 28.40 15.38 33.99
CA THR C 150 28.73 14.99 33.76
C THR C 150 29.19 16.37 33.11
C THR C 150 29.33 16.21 33.04
N ALA C 151 28.83 16.47 31.83
CA ALA C 151 29.42 17.49 30.96
C ALA C 151 29.24 18.90 31.54
N ASP C 152 30.29 19.69 31.46
CA ASP C 152 30.30 21.04 32.03
C ASP C 152 29.78 22.10 31.05
N ARG C 153 29.26 21.63 29.92
CA ARG C 153 28.68 22.50 28.92
C ARG C 153 27.36 21.93 28.41
N PRO C 154 26.50 22.80 27.85
CA PRO C 154 25.30 22.35 27.13
C PRO C 154 25.69 21.43 25.94
N LEU C 155 25.10 20.24 25.86
CA LEU C 155 25.43 19.27 24.78
C LEU C 155 24.36 19.17 23.72
N LYS C 156 24.78 18.92 22.49
CA LYS C 156 23.84 18.61 21.42
C LYS C 156 23.85 17.09 21.19
N VAL C 157 22.67 16.49 21.28
CA VAL C 157 22.52 15.04 21.10
C VAL C 157 21.66 14.79 19.87
N LEU C 158 22.17 13.98 18.95
CA LEU C 158 21.40 13.50 17.79
C LEU C 158 20.98 12.04 17.98
N ASN C 159 19.69 11.75 17.76
CA ASN C 159 19.13 10.42 17.92
C ASN C 159 18.50 9.99 16.59
N LEU C 160 19.21 9.15 15.84
CA LEU C 160 18.75 8.66 14.52
C LEU C 160 17.94 7.37 14.60
N PHE C 161 16.86 7.26 13.82
CA PHE C 161 15.94 6.10 13.90
C PHE C 161 15.34 6.03 15.30
N GLY C 162 14.89 7.19 15.79
CA GLY C 162 14.59 7.39 17.20
C GLY C 162 13.34 6.71 17.72
N TYR C 163 12.44 6.28 16.83
CA TYR C 163 11.30 5.43 17.23
C TYR C 163 10.45 6.20 18.28
N THR C 164 10.09 5.56 19.38
CA THR C 164 9.23 6.22 20.38
C THR C 164 9.96 7.21 21.28
N GLY C 165 11.27 7.37 21.07
CA GLY C 165 11.99 8.54 21.62
C GLY C 165 12.38 8.50 23.07
N VAL C 166 12.42 7.33 23.70
CA VAL C 166 12.79 7.30 25.11
C VAL C 166 14.24 7.85 25.32
N ALA C 167 15.18 7.48 24.43
CA ALA C 167 16.55 8.01 24.51
C ALA C 167 16.55 9.52 24.37
N SER C 168 15.70 10.02 23.46
CA SER C 168 15.57 11.47 23.24
C SER C 168 15.10 12.15 24.53
N LEU C 169 14.12 11.54 25.18
CA LEU C 169 13.59 12.10 26.44
C LEU C 169 14.60 12.03 27.60
N VAL C 170 15.35 10.94 27.70
CA VAL C 170 16.40 10.81 28.71
C VAL C 170 17.42 11.96 28.55
N ALA C 171 17.85 12.16 27.30
CA ALA C 171 18.81 13.21 26.98
C ALA C 171 18.24 14.58 27.28
N ALA C 172 16.99 14.81 26.88
CA ALA C 172 16.32 16.10 27.14
C ALA C 172 16.18 16.36 28.64
N ALA C 173 15.81 15.32 29.40
CA ALA C 173 15.63 15.48 30.84
C ALA C 173 16.94 15.83 31.55
N ALA C 174 18.04 15.33 31.01
CA ALA C 174 19.37 15.59 31.56
C ALA C 174 19.99 16.95 31.15
N GLY C 175 19.34 17.66 30.22
CA GLY C 175 19.74 19.03 29.88
C GLY C 175 20.27 19.22 28.48
N ALA C 176 20.19 18.19 27.65
CA ALA C 176 20.70 18.25 26.29
C ALA C 176 19.74 18.94 25.31
N GLU C 177 20.31 19.49 24.24
N GLU C 177 20.32 19.50 24.26
CA GLU C 177 19.54 20.00 23.11
CA GLU C 177 19.61 19.98 23.08
C GLU C 177 19.49 18.87 22.10
C GLU C 177 19.51 18.76 22.16
N VAL C 178 18.29 18.28 21.95
CA VAL C 178 18.10 17.02 21.23
C VAL C 178 17.50 17.20 19.87
N THR C 179 18.01 16.42 18.92
CA THR C 179 17.45 16.34 17.60
C THR C 179 17.11 14.87 17.37
N HIS C 180 15.82 14.60 17.21
CA HIS C 180 15.31 13.23 17.10
C HIS C 180 14.89 13.02 15.63
N VAL C 181 15.45 12.00 14.97
CA VAL C 181 15.17 11.81 13.55
C VAL C 181 14.50 10.45 13.31
N ASP C 182 13.34 10.48 12.67
CA ASP C 182 12.65 9.24 12.28
C ASP C 182 11.84 9.52 11.04
N ALA C 183 11.86 8.57 10.11
CA ALA C 183 11.18 8.69 8.81
C ALA C 183 9.65 8.60 8.93
N SER C 184 9.16 7.98 10.00
CA SER C 184 7.73 7.75 10.20
C SER C 184 7.05 8.88 10.98
N LYS C 185 6.11 9.57 10.34
CA LYS C 185 5.32 10.61 11.02
C LYS C 185 4.53 9.99 12.19
N LYS C 186 4.04 8.77 12.01
CA LYS C 186 3.29 8.09 13.07
C LYS C 186 4.19 7.87 14.30
N ALA C 187 5.43 7.45 14.07
CA ALA C 187 6.38 7.23 15.18
C ALA C 187 6.76 8.54 15.84
N ILE C 188 6.91 9.60 15.05
CA ILE C 188 7.16 10.94 15.62
C ILE C 188 5.99 11.34 16.54
N GLY C 189 4.76 11.08 16.07
CA GLY C 189 3.56 11.34 16.89
C GLY C 189 3.61 10.60 18.21
N TRP C 190 4.00 9.33 18.17
CA TRP C 190 4.13 8.52 19.39
C TRP C 190 5.16 9.12 20.32
N ALA C 191 6.31 9.52 19.76
CA ALA C 191 7.36 10.12 20.58
C ALA C 191 6.91 11.43 21.20
N LYS C 192 6.17 12.24 20.44
CA LYS C 192 5.66 13.49 20.98
C LYS C 192 4.66 13.24 22.11
N GLU C 193 3.86 12.18 21.98
CA GLU C 193 2.95 11.78 23.07
C GLU C 193 3.72 11.42 24.35
N ASN C 194 4.84 10.74 24.19
CA ASN C 194 5.73 10.43 25.31
C ASN C 194 6.33 11.69 25.93
N GLN C 195 6.79 12.61 25.07
CA GLN C 195 7.27 13.91 25.53
C GLN C 195 6.26 14.65 26.44
N VAL C 196 4.99 14.67 26.04
CA VAL C 196 3.93 15.28 26.86
C VAL C 196 3.77 14.52 28.18
N LEU C 197 3.65 13.21 28.09
CA LEU C 197 3.50 12.36 29.27
C LEU C 197 4.67 12.56 30.26
N ALA C 198 5.87 12.73 29.73
CA ALA C 198 7.07 12.87 30.56
C ALA C 198 7.25 14.26 31.16
N GLY C 199 6.39 15.20 30.75
CA GLY C 199 6.47 16.58 31.21
C GLY C 199 7.62 17.35 30.58
N LEU C 200 7.97 16.98 29.35
CA LEU C 200 9.13 17.57 28.65
C LEU C 200 8.74 18.42 27.44
N GLU C 201 7.49 18.89 27.40
N GLU C 201 7.50 18.90 27.43
CA GLU C 201 6.98 19.73 26.32
CA GLU C 201 6.95 19.73 26.36
C GLU C 201 7.85 20.97 26.05
C GLU C 201 7.78 20.99 26.08
N GLN C 202 8.43 21.53 27.11
CA GLN C 202 9.25 22.75 26.98
C GLN C 202 10.74 22.49 26.76
N ALA C 203 11.13 21.23 26.76
CA ALA C 203 12.53 20.90 26.58
C ALA C 203 12.91 21.09 25.11
N PRO C 204 14.17 21.43 24.84
CA PRO C 204 14.60 21.59 23.45
C PRO C 204 14.75 20.25 22.72
N ILE C 205 13.66 19.74 22.13
CA ILE C 205 13.75 18.57 21.28
C ILE C 205 13.23 18.98 19.91
N ARG C 206 14.10 18.84 18.91
N ARG C 206 14.08 18.86 18.90
CA ARG C 206 13.75 19.08 17.53
CA ARG C 206 13.69 19.15 17.52
C ARG C 206 13.28 17.77 16.90
C ARG C 206 13.33 17.86 16.78
N TRP C 207 12.06 17.78 16.35
CA TRP C 207 11.49 16.56 15.78
C TRP C 207 11.62 16.60 14.27
N ILE C 208 12.40 15.68 13.71
CA ILE C 208 12.73 15.67 12.28
C ILE C 208 12.10 14.43 11.65
N CYS C 209 11.13 14.63 10.77
CA CYS C 209 10.55 13.53 10.02
C CYS C 209 11.21 13.47 8.65
N GLU C 210 12.22 12.61 8.51
CA GLU C 210 13.03 12.56 7.30
C GLU C 210 13.79 11.25 7.29
N ASP C 211 14.21 10.80 6.11
CA ASP C 211 15.23 9.78 6.03
C ASP C 211 16.48 10.15 6.85
N ALA C 212 16.95 9.20 7.65
CA ALA C 212 18.03 9.50 8.60
C ALA C 212 19.35 9.86 7.89
N LYS C 214 19.82 10.93 4.72
CA LYS C 214 19.62 12.21 4.07
C LYS C 214 19.75 13.38 5.04
N PHE C 215 19.10 13.26 6.21
CA PHE C 215 19.22 14.34 7.17
C PHE C 215 20.69 14.59 7.53
N ILE C 216 21.44 13.55 7.87
CA ILE C 216 22.82 13.75 8.30
C ILE C 216 23.73 14.23 7.16
N GLN C 217 23.48 13.78 5.93
CA GLN C 217 24.33 14.29 4.84
C GLN C 217 24.10 15.78 4.59
N ARG C 218 22.83 16.18 4.71
CA ARG C 218 22.45 17.60 4.63
C ARG C 218 23.00 18.41 5.80
N GLU C 219 23.01 17.82 7.00
CA GLU C 219 23.70 18.44 8.17
C GLU C 219 25.19 18.64 7.95
N GLU C 220 25.83 17.63 7.36
CA GLU C 220 27.22 17.73 6.96
C GLU C 220 27.44 18.90 6.00
N ARG C 221 26.57 19.03 4.99
CA ARG C 221 26.68 20.15 4.04
C ARG C 221 26.55 21.50 4.76
N ARG C 222 25.67 21.57 5.75
CA ARG C 222 25.44 22.77 6.57
C ARG C 222 26.57 23.05 7.55
N GLY C 223 27.36 22.03 7.86
CA GLY C 223 28.48 22.20 8.82
C GLY C 223 27.99 22.08 10.26
N SER C 224 26.86 21.42 10.46
CA SER C 224 26.30 21.21 11.80
C SER C 224 27.14 20.18 12.54
N THR C 225 27.16 20.27 13.86
CA THR C 225 27.87 19.26 14.69
C THR C 225 27.05 18.86 15.90
N TYR C 226 27.32 17.64 16.39
CA TYR C 226 26.68 17.11 17.59
C TYR C 226 27.74 16.54 18.53
N ASP C 227 27.49 16.61 19.83
CA ASP C 227 28.45 16.07 20.80
C ASP C 227 28.28 14.57 21.04
N ILE C 228 27.04 14.11 20.92
CA ILE C 228 26.73 12.68 21.03
C ILE C 228 25.77 12.33 19.90
N ILE C 229 26.05 11.24 19.19
CA ILE C 229 25.14 10.72 18.18
C ILE C 229 24.80 9.28 18.55
N LEU C 230 23.50 9.01 18.64
CA LEU C 230 22.99 7.65 18.77
C LEU C 230 22.32 7.23 17.45
N THR C 231 22.52 5.98 17.05
CA THR C 231 21.87 5.52 15.82
C THR C 231 21.44 4.05 15.95
N ASP C 232 20.17 3.81 15.66
CA ASP C 232 19.56 2.49 15.84
C ASP C 232 18.93 1.98 14.52
N PRO C 233 19.77 1.82 13.46
CA PRO C 233 19.22 1.47 12.15
C PRO C 233 18.62 0.05 12.13
N PRO C 234 17.44 -0.10 11.50
CA PRO C 234 16.90 -1.44 11.27
C PRO C 234 17.64 -2.09 10.12
N LYS C 235 17.48 -3.40 9.96
CA LYS C 235 18.01 -4.09 8.79
C LYS C 235 17.46 -3.49 7.49
N PHE C 236 16.17 -3.20 7.49
N PHE C 236 16.17 -3.20 7.47
CA PHE C 236 15.50 -2.63 6.32
CA PHE C 236 15.53 -2.62 6.29
C PHE C 236 14.62 -1.49 6.79
C PHE C 236 14.60 -1.52 6.74
N GLY C 237 14.59 -0.41 6.01
CA GLY C 237 13.70 0.70 6.33
C GLY C 237 13.38 1.49 5.09
N ARG C 238 12.51 2.49 5.21
N ARG C 238 12.59 2.55 5.27
CA ARG C 238 12.16 3.40 4.11
CA ARG C 238 12.13 3.41 4.19
C ARG C 238 12.19 4.82 4.66
C ARG C 238 12.13 4.85 4.67
N GLY C 239 12.79 5.73 3.89
CA GLY C 239 12.81 7.14 4.26
C GLY C 239 11.43 7.75 4.04
N THR C 240 11.27 8.98 4.48
CA THR C 240 9.98 9.68 4.41
C THR C 240 9.51 9.83 2.94
N HIS C 241 10.45 9.94 2.00
CA HIS C 241 10.10 10.05 0.60
C HIS C 241 10.48 8.78 -0.18
N GLY C 242 10.39 7.63 0.51
CA GLY C 242 10.57 6.32 -0.08
C GLY C 242 11.98 5.79 -0.30
N GLU C 243 12.98 6.55 0.14
CA GLU C 243 14.40 6.15 -0.01
C GLU C 243 14.61 4.80 0.67
N VAL C 244 15.11 3.82 -0.07
CA VAL C 244 15.30 2.48 0.53
C VAL C 244 16.51 2.50 1.47
N TRP C 245 16.30 2.05 2.70
CA TRP C 245 17.41 1.86 3.68
C TRP C 245 17.66 0.36 3.84
N GLN C 246 18.93 -0.04 3.69
N GLN C 246 18.90 -0.07 3.60
CA GLN C 246 19.34 -1.44 3.87
CA GLN C 246 19.35 -1.43 3.93
C GLN C 246 20.68 -1.43 4.62
C GLN C 246 20.65 -1.29 4.70
N LEU C 247 20.65 -1.82 5.90
CA LEU C 247 21.81 -1.69 6.80
C LEU C 247 23.11 -2.17 6.15
N PHE C 248 23.11 -3.36 5.58
CA PHE C 248 24.35 -3.89 4.99
C PHE C 248 24.81 -3.18 3.74
N ASP C 249 23.93 -2.44 3.09
CA ASP C 249 24.36 -1.67 1.93
C ASP C 249 24.83 -0.27 2.30
N HIS C 250 24.28 0.28 3.39
CA HIS C 250 24.32 1.73 3.63
C HIS C 250 25.06 2.16 4.88
N LEU C 251 25.22 1.24 5.82
CA LEU C 251 25.78 1.61 7.12
C LEU C 251 27.17 2.26 7.07
N PRO C 252 28.10 1.75 6.19
CA PRO C 252 29.42 2.39 6.19
C PRO C 252 29.34 3.87 5.85
N LEU C 253 28.55 4.25 4.86
CA LEU C 253 28.38 5.68 4.57
C LEU C 253 27.75 6.44 5.76
N LEU C 255 27.91 5.91 9.00
CA LEU C 255 28.84 6.11 10.11
C LEU C 255 29.92 7.15 9.77
N ASP C 256 30.34 7.13 8.50
N ASP C 256 30.37 7.13 8.51
CA ASP C 256 31.28 8.11 7.97
CA ASP C 256 31.28 8.15 8.01
C ASP C 256 30.74 9.53 8.07
C ASP C 256 30.70 9.54 8.18
N ILE C 257 29.48 9.73 7.67
CA ILE C 257 28.81 11.01 7.77
C ILE C 257 28.63 11.39 9.25
N CYS C 258 28.24 10.43 10.08
CA CYS C 258 28.19 10.68 11.54
C CYS C 258 29.51 11.24 12.06
N ARG C 259 30.63 10.63 11.68
CA ARG C 259 31.93 11.14 12.15
C ARG C 259 32.13 12.59 11.69
N GLU C 260 31.76 12.87 10.44
CA GLU C 260 31.89 14.21 9.87
C GLU C 260 31.03 15.27 10.58
N ILE C 261 29.99 14.83 11.30
CA ILE C 261 29.13 15.75 12.06
C ILE C 261 29.26 15.67 13.60
N LEU C 262 30.34 15.03 14.06
CA LEU C 262 30.73 15.06 15.47
C LEU C 262 31.50 16.34 15.76
N SER C 263 31.22 16.95 16.90
CA SER C 263 31.97 18.12 17.35
C SER C 263 33.42 17.77 17.74
N PRO C 264 34.33 18.77 17.76
CA PRO C 264 35.69 18.52 18.26
C PRO C 264 35.71 17.88 19.66
N LYS C 265 34.83 18.33 20.55
CA LYS C 265 34.75 17.75 21.90
C LYS C 265 33.66 16.66 22.08
N ALA C 266 33.31 15.97 20.99
CA ALA C 266 32.32 14.89 21.02
C ALA C 266 32.60 13.86 22.13
N LEU C 267 31.53 13.41 22.78
CA LEU C 267 31.58 12.40 23.85
C LEU C 267 31.29 10.97 23.41
N GLY C 268 30.59 10.80 22.29
CA GLY C 268 30.39 9.44 21.83
C GLY C 268 29.60 9.30 20.55
N LEU C 269 29.80 8.15 19.91
CA LEU C 269 29.00 7.73 18.77
C LEU C 269 28.57 6.30 19.11
N VAL C 270 27.25 6.09 19.19
CA VAL C 270 26.71 4.80 19.65
C VAL C 270 25.84 4.20 18.57
N LEU C 271 26.18 2.98 18.19
CA LEU C 271 25.44 2.23 17.19
C LEU C 271 24.80 1.03 17.87
N THR C 272 23.49 0.87 17.65
CA THR C 272 22.77 -0.31 18.09
C THR C 272 22.09 -0.96 16.89
N ALA C 273 22.07 -2.29 16.88
CA ALA C 273 21.61 -3.01 15.72
C ALA C 273 20.84 -4.28 16.14
N TYR C 274 19.60 -4.38 15.64
N TYR C 274 19.61 -4.38 15.68
CA TYR C 274 18.70 -5.52 15.92
CA TYR C 274 18.81 -5.55 15.97
C TYR C 274 18.47 -6.39 14.70
C TYR C 274 18.95 -6.58 14.85
N SER C 275 18.44 -7.72 14.89
N SER C 275 18.04 -7.54 14.89
CA SER C 275 17.75 -8.57 13.91
CA SER C 275 18.06 -8.60 13.92
C SER C 275 18.51 -8.69 12.58
C SER C 275 19.52 -8.90 13.74
N ILE C 276 19.72 -9.20 12.67
N ILE C 276 19.89 -9.99 14.37
CA ILE C 276 20.71 -8.95 11.68
CA ILE C 276 21.21 -10.45 14.19
C ILE C 276 21.62 -10.15 11.58
C ILE C 276 21.25 -11.62 13.25
N ARG C 277 21.96 -10.55 10.36
N ARG C 277 22.48 -12.00 13.04
CA ARG C 277 22.82 -11.72 10.19
CA ARG C 277 22.92 -12.92 12.06
C ARG C 277 24.27 -11.24 10.23
C ARG C 277 24.32 -12.41 12.05
N ALA C 278 24.71 -10.97 11.46
N ALA C 278 24.46 -11.09 11.97
CA ALA C 278 26.04 -10.44 11.70
CA ALA C 278 25.78 -10.46 11.95
C ALA C 278 26.42 -10.47 13.17
C ALA C 278 26.38 -10.62 13.33
N SER C 279 27.70 -10.71 13.39
CA SER C 279 28.33 -10.70 14.71
C SER C 279 28.51 -9.27 15.18
N PHE C 280 28.55 -9.06 16.48
CA PHE C 280 29.04 -7.78 17.00
C PHE C 280 30.45 -7.44 16.46
N TYR C 281 31.25 -8.46 16.10
CA TYR C 281 32.59 -8.19 15.56
C TYR C 281 32.54 -7.38 14.26
N SER C 282 31.47 -7.53 13.50
N SER C 282 31.50 -7.59 13.47
CA SER C 282 31.32 -6.83 12.23
CA SER C 282 31.26 -6.86 12.22
C SER C 282 30.93 -5.37 12.41
C SER C 282 31.05 -5.38 12.52
N HIS C 284 31.78 -3.87 15.25
CA HIS C 284 33.02 -3.45 15.88
C HIS C 284 34.09 -3.02 14.89
N GLU C 285 34.40 -3.90 13.92
CA GLU C 285 35.49 -3.59 12.98
C GLU C 285 35.09 -2.41 12.06
N LEU C 286 33.81 -2.35 11.70
CA LEU C 286 33.31 -1.20 10.92
C LEU C 286 33.51 0.10 11.72
N ARG C 288 35.51 0.69 14.31
CA ARG C 288 36.94 0.96 14.49
C ARG C 288 37.55 1.65 13.24
N GLU C 289 37.23 1.12 12.05
CA GLU C 289 37.72 1.71 10.81
C GLU C 289 37.12 3.10 10.57
N THR C 290 35.83 3.27 10.86
CA THR C 290 35.17 4.58 10.69
C THR C 290 35.93 5.64 11.47
N ARG C 292 39.07 5.62 12.46
CA ARG C 292 40.54 5.60 12.32
C ARG C 292 41.10 7.02 12.45
N GLY C 293 42.12 7.16 13.31
CA GLY C 293 42.82 8.44 13.46
C GLY C 293 42.17 9.36 14.48
N ALA C 294 41.04 8.95 15.02
CA ALA C 294 40.29 9.79 15.95
C ALA C 294 40.68 9.58 17.40
N GLY C 295 41.49 8.55 17.65
CA GLY C 295 41.89 8.22 19.02
C GLY C 295 40.73 7.61 19.78
N GLY C 296 40.87 7.54 21.09
CA GLY C 296 39.80 7.01 21.96
C GLY C 296 39.68 5.50 21.87
N VAL C 297 38.47 5.00 22.12
CA VAL C 297 38.27 3.57 22.28
C VAL C 297 36.92 3.15 21.72
N VAL C 298 36.89 1.97 21.10
CA VAL C 298 35.65 1.41 20.59
C VAL C 298 35.35 0.14 21.39
N ALA C 299 34.20 0.16 22.06
CA ALA C 299 33.69 -0.99 22.82
C ALA C 299 32.46 -1.57 22.10
N SER C 300 32.48 -2.88 21.86
CA SER C 300 31.39 -3.56 21.13
C SER C 300 31.02 -4.92 21.71
N GLY C 301 29.83 -5.37 21.39
CA GLY C 301 29.35 -6.64 21.87
C GLY C 301 27.86 -6.76 21.76
N GLU C 302 27.28 -7.52 22.70
CA GLU C 302 25.83 -7.74 22.74
C GLU C 302 25.22 -7.10 23.96
N LEU C 303 23.99 -6.66 23.80
CA LEU C 303 23.13 -6.16 24.89
C LEU C 303 22.13 -7.23 25.22
N VAL C 304 22.11 -7.66 26.48
CA VAL C 304 21.28 -8.79 26.90
C VAL C 304 20.37 -8.43 28.11
N ILE C 305 19.33 -9.23 28.28
CA ILE C 305 18.40 -9.17 29.40
C ILE C 305 18.52 -10.55 30.08
N ARG C 306 18.41 -10.57 31.40
CA ARG C 306 18.39 -11.84 32.10
C ARG C 306 16.99 -12.03 32.68
N GLU C 307 16.47 -13.25 32.56
CA GLU C 307 15.22 -13.61 33.23
C GLU C 307 15.33 -13.23 34.69
N ALA C 308 14.22 -12.73 35.24
CA ALA C 308 14.18 -12.29 36.64
C ALA C 308 13.09 -12.98 37.45
N GLY C 309 12.33 -13.86 36.82
CA GLY C 309 11.27 -14.59 37.53
C GLY C 309 10.04 -13.73 37.81
N LEU C 310 9.04 -14.36 38.42
CA LEU C 310 7.81 -13.67 38.76
C LEU C 310 8.05 -12.47 39.70
N ASP C 311 8.89 -12.66 40.72
CA ASP C 311 9.14 -11.62 41.70
C ASP C 311 10.14 -10.53 41.23
N GLY C 312 10.79 -10.80 40.09
CA GLY C 312 11.78 -9.87 39.54
C GLY C 312 13.12 -9.95 40.25
N LYS C 313 13.28 -10.91 41.16
CA LYS C 313 14.53 -11.03 41.93
C LYS C 313 15.14 -12.42 41.81
N THR C 314 14.80 -13.16 40.76
CA THR C 314 15.26 -14.53 40.64
C THR C 314 15.99 -14.69 39.31
N PRO C 315 17.33 -14.49 39.30
CA PRO C 315 18.10 -14.53 38.06
C PRO C 315 17.96 -15.88 37.34
N GLY C 316 17.77 -15.84 36.02
CA GLY C 316 17.70 -17.06 35.24
C GLY C 316 18.62 -16.95 34.03
N ARG C 317 18.06 -17.25 32.85
CA ARG C 317 18.82 -17.34 31.60
C ARG C 317 19.01 -15.98 30.94
N VAL C 318 20.02 -15.91 30.07
CA VAL C 318 20.31 -14.72 29.28
C VAL C 318 19.53 -14.78 27.97
N LEU C 319 18.87 -13.68 27.65
CA LEU C 319 18.27 -13.50 26.34
C LEU C 319 19.00 -12.32 25.67
N SER C 320 19.77 -12.60 24.65
CA SER C 320 20.51 -11.53 23.95
C SER C 320 19.54 -10.78 23.02
N THR C 321 19.57 -9.44 22.99
CA THR C 321 18.59 -8.71 22.17
C THR C 321 19.17 -8.06 20.91
N SER C 322 20.41 -7.62 20.97
CA SER C 322 20.90 -6.68 19.96
C SER C 322 22.40 -6.57 20.06
N LEU C 323 23.01 -5.97 19.04
CA LEU C 323 24.44 -5.68 19.01
C LEU C 323 24.65 -4.21 19.34
N PHE C 324 25.85 -3.87 19.78
CA PHE C 324 26.20 -2.44 19.91
C PHE C 324 27.67 -2.23 19.59
N SER C 325 28.00 -0.99 19.21
CA SER C 325 29.38 -0.55 19.12
C SER C 325 29.38 0.92 19.51
N ARG C 326 30.28 1.28 20.42
CA ARG C 326 30.33 2.63 20.94
C ARG C 326 31.75 3.15 20.86
N TRP C 327 31.91 4.30 20.20
CA TRP C 327 33.13 5.06 20.25
C TRP C 327 33.03 6.18 21.29
N GLU C 328 34.09 6.32 22.09
CA GLU C 328 34.24 7.46 23.00
C GLU C 328 35.66 8.01 22.94
N PRO C 329 35.85 9.32 23.21
CA PRO C 329 37.20 9.88 23.13
C PRO C 329 38.14 9.36 24.21
N LYS C 330 37.57 8.72 25.23
CA LYS C 330 38.32 8.14 26.33
C LYS C 330 39.32 9.16 26.90
#